data_3IL1
#
_entry.id   3IL1
#
_cell.length_a   47.327
_cell.length_b   114.711
_cell.length_c   165.366
_cell.angle_alpha   90.00
_cell.angle_beta   90.00
_cell.angle_gamma   90.00
#
_symmetry.space_group_name_H-M   'P 2 21 21'
#
loop_
_entity.id
_entity.type
_entity.pdbx_description
1 polymer 'Glutamate receptor 2'
2 non-polymer 'GLUTAMIC ACID'
3 non-polymer 'ZINC ION'
4 non-polymer '(3S)-7-chloro-3-methyl-3,4-dihydro-2H-1,2,4-benzothiadiazine 1,1-dioxide'
5 water water
#
_entity_poly.entity_id   1
_entity_poly.type   'polypeptide(L)'
_entity_poly.pdbx_seq_one_letter_code
;KTVVVTTILESPYVMMKKNHEMLEGNERYEGYCVDLAAEIAKHCGFKYKLTIVGDGKYGARDADTKIWNGMVGELVYGKA
DIAIAPLTITLVREEVIDFSKPFMSLGISIMIKKGTPIESAEDLSKQTEIAYGTLDSGSTKEFFRRSKIAVFDKMWTYMR
SAEPSVFVRTTAEGVARVRKSKGKYAYLLESTMNEYIEQRKPCDTMKVGGNLDSKGYGIATPKGSSLGNAVNLAVLKLSE
QGLLDKLKNKWWYDKGEC
;
_entity_poly.pdbx_strand_id   B,E,H
#
loop_
_chem_comp.id
_chem_comp.type
_chem_comp.name
_chem_comp.formula
B5D non-polymer '(3S)-7-chloro-3-methyl-3,4-dihydro-2H-1,2,4-benzothiadiazine 1,1-dioxide' 'C8 H9 Cl N2 O2 S'
ZN non-polymer 'ZINC ION' 'Zn 2'
#
# COMPACT_ATOMS: atom_id res chain seq x y z
N LYS A 1 15.73 5.88 -16.14
CA LYS A 1 15.04 7.17 -16.23
C LYS A 1 14.11 7.41 -15.04
N THR A 2 14.08 8.65 -14.56
CA THR A 2 13.17 9.04 -13.49
C THR A 2 11.72 9.13 -13.99
N VAL A 3 10.82 8.50 -13.26
CA VAL A 3 9.40 8.45 -13.63
C VAL A 3 8.72 9.71 -13.18
N VAL A 4 8.08 10.41 -14.12
CA VAL A 4 7.34 11.61 -13.78
C VAL A 4 5.94 11.22 -13.32
N VAL A 5 5.60 11.59 -12.08
CA VAL A 5 4.31 11.26 -11.50
C VAL A 5 3.45 12.49 -11.46
N THR A 6 2.26 12.41 -12.05
CA THR A 6 1.34 13.53 -11.93
C THR A 6 0.35 13.25 -10.81
N THR A 7 0.09 14.28 -10.01
CA THR A 7 -0.91 14.15 -8.98
C THR A 7 -1.57 15.50 -8.75
N ILE A 8 -2.35 15.62 -7.69
CA ILE A 8 -3.20 16.79 -7.51
C ILE A 8 -3.31 17.16 -6.04
N LEU A 9 -3.27 18.47 -5.73
CA LEU A 9 -3.36 18.90 -4.35
C LEU A 9 -4.78 18.71 -3.83
N GLU A 10 -4.98 17.65 -3.06
CA GLU A 10 -6.31 17.33 -2.57
C GLU A 10 -6.13 16.56 -1.27
N SER A 11 -6.57 17.13 -0.15
CA SER A 11 -6.43 16.49 1.15
C SER A 11 -7.36 15.28 1.31
N PRO A 12 -6.86 14.21 1.97
CA PRO A 12 -5.52 14.12 2.53
C PRO A 12 -4.60 13.33 1.61
N TYR A 13 -4.87 13.35 0.31
CA TYR A 13 -4.11 12.54 -0.65
C TYR A 13 -2.74 13.14 -0.91
N VAL A 14 -2.71 14.43 -1.17
CA VAL A 14 -1.46 15.14 -1.38
C VAL A 14 -1.64 16.55 -0.84
N MET A 15 -0.73 16.93 0.05
CA MET A 15 -0.75 18.22 0.71
C MET A 15 0.67 18.75 0.80
N MET A 16 0.81 20.06 0.91
CA MET A 16 2.13 20.63 1.15
C MET A 16 2.49 20.47 2.61
N LYS A 17 3.70 20.02 2.90
CA LYS A 17 4.18 20.02 4.28
C LYS A 17 4.31 21.46 4.79
N LYS A 18 4.22 21.63 6.11
CA LYS A 18 4.25 22.95 6.72
C LYS A 18 5.52 23.72 6.38
N ASN A 19 6.64 23.00 6.34
CA ASN A 19 7.93 23.62 6.05
C ASN A 19 8.41 23.34 4.64
N HIS A 20 7.48 23.18 3.71
CA HIS A 20 7.81 22.77 2.35
C HIS A 20 8.81 23.69 1.64
N GLU A 21 8.80 24.97 1.99
CA GLU A 21 9.71 25.93 1.37
C GLU A 21 11.18 25.60 1.68
N MET A 22 11.41 24.87 2.76
CA MET A 22 12.75 24.50 3.15
C MET A 22 13.11 23.07 2.74
N LEU A 23 12.25 22.45 1.96
CA LEU A 23 12.46 21.05 1.56
C LEU A 23 12.60 20.90 0.05
N GLU A 24 13.07 19.74 -0.39
CA GLU A 24 13.41 19.53 -1.80
C GLU A 24 12.65 18.40 -2.46
N GLY A 25 12.29 18.59 -3.73
CA GLY A 25 11.66 17.53 -4.52
C GLY A 25 10.48 16.88 -3.81
N ASN A 26 10.51 15.56 -3.74
CA ASN A 26 9.37 14.79 -3.22
C ASN A 26 9.10 15.07 -1.75
N GLU A 27 10.09 15.58 -1.04
CA GLU A 27 9.97 15.83 0.40
C GLU A 27 9.03 16.99 0.73
N ARG A 28 8.64 17.75 -0.29
CA ARG A 28 7.76 18.89 -0.09
C ARG A 28 6.34 18.49 0.23
N TYR A 29 5.99 17.24 -0.08
CA TYR A 29 4.59 16.81 -0.02
C TYR A 29 4.38 15.70 0.99
N GLU A 30 3.18 15.66 1.56
CA GLU A 30 2.75 14.54 2.40
C GLU A 30 1.32 14.14 2.09
N GLY A 31 0.99 12.90 2.40
CA GLY A 31 -0.39 12.44 2.26
C GLY A 31 -0.50 11.00 1.84
N TYR A 32 -1.73 10.53 1.75
CA TYR A 32 -2.00 9.14 1.39
C TYR A 32 -1.27 8.76 0.09
N CYS A 33 -1.40 9.59 -0.94
CA CYS A 33 -0.85 9.25 -2.25
C CYS A 33 0.65 9.39 -2.31
N VAL A 34 1.19 10.29 -1.50
CA VAL A 34 2.62 10.44 -1.37
C VAL A 34 3.21 9.18 -0.72
N ASP A 35 2.54 8.69 0.32
CA ASP A 35 2.94 7.43 0.95
C ASP A 35 2.83 6.29 -0.06
N LEU A 36 1.71 6.23 -0.79
CA LEU A 36 1.47 5.15 -1.74
C LEU A 36 2.48 5.19 -2.90
N ALA A 37 2.77 6.39 -3.38
CA ALA A 37 3.74 6.54 -4.47
C ALA A 37 5.10 5.97 -4.07
N ALA A 38 5.58 6.33 -2.87
CA ALA A 38 6.83 5.76 -2.38
C ALA A 38 6.87 4.23 -2.40
N GLU A 39 5.81 3.58 -1.92
CA GLU A 39 5.75 2.13 -1.88
C GLU A 39 5.71 1.54 -3.29
N ILE A 40 4.88 2.10 -4.14
CA ILE A 40 4.73 1.65 -5.52
C ILE A 40 6.10 1.68 -6.21
N ALA A 41 6.83 2.77 -6.00
CA ALA A 41 8.13 2.96 -6.66
C ALA A 41 9.17 1.99 -6.11
N LYS A 42 9.12 1.79 -4.80
CA LYS A 42 10.00 0.85 -4.13
C LYS A 42 9.77 -0.56 -4.66
N HIS A 43 8.50 -0.96 -4.75
CA HIS A 43 8.15 -2.32 -5.18
C HIS A 43 8.31 -2.58 -6.67
N CYS A 44 8.30 -1.51 -7.46
CA CYS A 44 8.45 -1.65 -8.90
C CYS A 44 9.89 -1.37 -9.32
N GLY A 45 10.66 -0.81 -8.41
CA GLY A 45 12.07 -0.54 -8.64
C GLY A 45 12.38 0.63 -9.55
N PHE A 46 11.61 1.71 -9.43
CA PHE A 46 11.93 2.92 -10.18
C PHE A 46 12.06 4.16 -9.31
N LYS A 47 12.84 5.13 -9.79
CA LYS A 47 12.94 6.44 -9.18
C LYS A 47 11.84 7.31 -9.78
N TYR A 48 11.40 8.32 -9.02
CA TYR A 48 10.24 9.08 -9.45
C TYR A 48 10.28 10.53 -9.01
N LYS A 49 9.50 11.37 -9.69
CA LYS A 49 9.37 12.76 -9.32
C LYS A 49 7.90 13.16 -9.29
N LEU A 50 7.42 13.59 -8.11
CA LEU A 50 6.05 14.05 -7.97
C LEU A 50 5.91 15.43 -8.59
N THR A 51 4.87 15.60 -9.40
CA THR A 51 4.61 16.89 -10.02
C THR A 51 3.12 17.19 -9.87
N ILE A 52 2.77 18.38 -9.42
CA ILE A 52 1.36 18.75 -9.31
C ILE A 52 0.79 19.16 -10.67
N VAL A 53 -0.38 18.62 -11.00
CA VAL A 53 -0.98 18.83 -12.30
C VAL A 53 -1.20 20.33 -12.55
N GLY A 54 -0.77 20.79 -13.73
CA GLY A 54 -0.78 22.22 -14.03
C GLY A 54 -2.09 22.95 -13.84
N ASP A 55 -3.18 22.39 -14.35
CA ASP A 55 -4.46 23.08 -14.33
C ASP A 55 -5.31 22.73 -13.12
N GLY A 56 -4.79 21.88 -12.24
CA GLY A 56 -5.51 21.51 -11.03
C GLY A 56 -6.77 20.69 -11.27
N LYS A 57 -6.84 20.00 -12.41
CA LYS A 57 -8.05 19.22 -12.73
C LYS A 57 -7.79 17.72 -12.74
N TYR A 58 -8.86 16.94 -12.62
CA TYR A 58 -8.74 15.49 -12.66
C TYR A 58 -8.66 14.99 -14.10
N GLY A 59 -9.60 15.42 -14.91
CA GLY A 59 -9.54 15.07 -16.32
C GLY A 59 -10.89 14.89 -16.95
N ALA A 60 -11.15 15.70 -17.97
CA ALA A 60 -12.36 15.58 -18.76
C ALA A 60 -12.01 16.00 -20.18
N ARG A 61 -12.76 15.50 -21.15
CA ARG A 61 -12.55 15.81 -22.55
C ARG A 61 -13.49 16.92 -22.98
N ASP A 62 -12.94 18.01 -23.50
CA ASP A 62 -13.75 19.12 -23.99
C ASP A 62 -14.71 18.65 -25.07
N ALA A 63 -15.98 19.02 -24.94
CA ALA A 63 -17.01 18.61 -25.89
C ALA A 63 -16.67 19.01 -27.33
N ASP A 64 -16.16 20.23 -27.49
CA ASP A 64 -15.85 20.76 -28.82
C ASP A 64 -14.45 20.39 -29.31
N THR A 65 -13.43 20.86 -28.60
CA THR A 65 -12.04 20.64 -29.01
C THR A 65 -11.65 19.17 -28.96
N LYS A 66 -12.30 18.41 -28.08
CA LYS A 66 -11.97 17.00 -27.88
C LYS A 66 -10.59 16.84 -27.20
N ILE A 67 -10.11 17.93 -26.60
CA ILE A 67 -8.85 17.88 -25.87
C ILE A 67 -9.04 17.49 -24.40
N TRP A 68 -8.19 16.60 -23.91
CA TRP A 68 -8.25 16.17 -22.52
C TRP A 68 -7.52 17.15 -21.62
N ASN A 69 -8.12 17.47 -20.48
CA ASN A 69 -7.44 18.33 -19.53
C ASN A 69 -7.00 17.54 -18.30
N GLY A 70 -6.51 18.24 -17.29
CA GLY A 70 -6.14 17.65 -16.01
C GLY A 70 -5.13 16.50 -16.07
N MET A 71 -5.16 15.64 -15.05
CA MET A 71 -4.19 14.56 -14.97
C MET A 71 -4.31 13.61 -16.17
N VAL A 72 -5.53 13.34 -16.59
CA VAL A 72 -5.73 12.44 -17.73
C VAL A 72 -5.01 13.02 -18.95
N GLY A 73 -5.14 14.33 -19.13
CA GLY A 73 -4.44 15.04 -20.19
C GLY A 73 -2.94 14.85 -20.11
N GLU A 74 -2.36 15.07 -18.94
CA GLU A 74 -0.92 14.92 -18.77
C GLU A 74 -0.47 13.55 -19.23
N LEU A 75 -1.28 12.53 -18.95
CA LEU A 75 -0.98 11.17 -19.39
C LEU A 75 -1.14 11.05 -20.90
N VAL A 76 -2.28 11.52 -21.40
CA VAL A 76 -2.60 11.33 -22.81
C VAL A 76 -1.56 12.05 -23.67
N TYR A 77 -1.16 13.24 -23.25
CA TYR A 77 -0.27 14.05 -24.08
C TYR A 77 1.21 13.88 -23.76
N GLY A 78 1.52 13.00 -22.81
CA GLY A 78 2.88 12.57 -22.58
C GLY A 78 3.68 13.46 -21.66
N LYS A 79 3.01 14.27 -20.84
CA LYS A 79 3.71 15.12 -19.90
C LYS A 79 4.13 14.32 -18.67
N ALA A 80 3.43 13.21 -18.41
CA ALA A 80 3.73 12.35 -17.25
C ALA A 80 3.66 10.87 -17.61
N ASP A 81 4.33 10.04 -16.81
CA ASP A 81 4.43 8.61 -17.05
C ASP A 81 3.38 7.82 -16.25
N ILE A 82 2.91 8.43 -15.17
CA ILE A 82 1.99 7.73 -14.28
C ILE A 82 1.25 8.75 -13.45
N ALA A 83 0.02 8.43 -13.08
CA ALA A 83 -0.75 9.31 -12.22
C ALA A 83 -1.09 8.52 -10.97
N ILE A 84 -0.80 9.11 -9.83
CA ILE A 84 -1.08 8.49 -8.54
C ILE A 84 -1.85 9.52 -7.74
N ALA A 85 -3.14 9.32 -7.62
CA ALA A 85 -4.05 10.36 -7.18
C ALA A 85 -5.42 9.74 -7.00
N PRO A 86 -6.35 10.50 -6.40
CA PRO A 86 -7.72 10.03 -6.26
C PRO A 86 -8.44 10.13 -7.60
N LEU A 87 -7.96 9.35 -8.57
CA LEU A 87 -8.43 9.41 -9.95
C LEU A 87 -9.41 8.26 -10.20
N THR A 88 -10.66 8.60 -10.48
CA THR A 88 -11.71 7.61 -10.61
C THR A 88 -11.63 6.78 -11.89
N ILE A 89 -11.80 5.47 -11.73
CA ILE A 89 -11.87 4.56 -12.87
C ILE A 89 -13.20 4.77 -13.56
N THR A 90 -13.16 5.21 -14.83
CA THR A 90 -14.39 5.35 -15.61
C THR A 90 -14.19 4.78 -17.00
N LEU A 91 -15.32 4.51 -17.67
CA LEU A 91 -15.28 3.91 -18.98
C LEU A 91 -14.59 4.79 -20.02
N VAL A 92 -14.93 6.08 -20.03
CA VAL A 92 -14.40 7.00 -21.03
C VAL A 92 -12.91 7.26 -20.85
N ARG A 93 -12.45 7.14 -19.61
CA ARG A 93 -11.03 7.25 -19.33
C ARG A 93 -10.32 5.96 -19.69
N GLU A 94 -10.94 4.84 -19.34
CA GLU A 94 -10.38 3.54 -19.63
C GLU A 94 -10.13 3.37 -21.13
N GLU A 95 -10.82 4.17 -21.94
CA GLU A 95 -10.69 4.06 -23.39
C GLU A 95 -9.43 4.76 -23.88
N VAL A 96 -8.88 5.67 -23.08
CA VAL A 96 -7.71 6.44 -23.50
C VAL A 96 -6.46 6.24 -22.63
N ILE A 97 -6.66 5.67 -21.43
CA ILE A 97 -5.54 5.35 -20.52
C ILE A 97 -5.78 4.01 -19.82
N ASP A 98 -4.76 3.49 -19.16
CA ASP A 98 -4.90 2.23 -18.41
C ASP A 98 -5.00 2.50 -16.91
N PHE A 99 -5.76 1.66 -16.21
CA PHE A 99 -5.89 1.74 -14.77
C PHE A 99 -5.50 0.42 -14.12
N SER A 100 -4.77 0.50 -13.02
CA SER A 100 -4.54 -0.64 -12.15
C SER A 100 -5.87 -1.06 -11.53
N LYS A 101 -5.89 -2.21 -10.86
CA LYS A 101 -7.02 -2.52 -10.01
C LYS A 101 -7.15 -1.39 -9.01
N PRO A 102 -8.37 -1.14 -8.51
CA PRO A 102 -8.60 -0.02 -7.61
C PRO A 102 -7.83 -0.17 -6.31
N PHE A 103 -7.20 0.91 -5.84
CA PHE A 103 -6.53 0.88 -4.55
C PHE A 103 -7.43 1.37 -3.42
N MET A 104 -8.55 2.00 -3.78
CA MET A 104 -9.47 2.53 -2.78
C MET A 104 -10.88 2.58 -3.35
N SER A 105 -11.88 2.26 -2.52
CA SER A 105 -13.26 2.30 -3.00
C SER A 105 -13.95 3.60 -2.60
N LEU A 106 -14.91 4.00 -3.41
CA LEU A 106 -15.74 5.16 -3.08
C LEU A 106 -17.04 5.10 -3.89
N GLY A 107 -17.98 5.96 -3.52
CA GLY A 107 -19.15 6.23 -4.32
C GLY A 107 -19.52 7.69 -4.18
N ILE A 108 -20.27 8.21 -5.15
CA ILE A 108 -20.79 9.56 -5.04
C ILE A 108 -21.69 9.58 -3.81
N SER A 109 -21.58 10.65 -3.03
CA SER A 109 -22.31 10.73 -1.78
C SER A 109 -22.76 12.16 -1.59
N ILE A 110 -23.63 12.39 -0.62
CA ILE A 110 -24.13 13.72 -0.35
C ILE A 110 -23.54 14.26 0.94
N MET A 111 -23.02 15.49 0.87
CA MET A 111 -22.54 16.22 2.04
C MET A 111 -23.53 17.35 2.37
N ILE A 112 -23.96 17.40 3.63
CA ILE A 112 -24.86 18.45 4.09
C ILE A 112 -24.29 19.11 5.33
N LYS A 113 -24.67 20.36 5.55
CA LYS A 113 -24.43 20.98 6.85
C LYS A 113 -25.30 20.20 7.84
N LYS A 114 -24.76 19.90 9.03
CA LYS A 114 -25.54 19.17 10.03
C LYS A 114 -26.92 19.81 10.27
N GLY A 115 -27.97 18.99 10.24
CA GLY A 115 -29.31 19.43 10.54
C GLY A 115 -30.14 19.73 9.31
N THR A 116 -29.48 19.68 8.14
CA THR A 116 -30.16 19.90 6.87
C THR A 116 -31.18 18.78 6.66
N PRO A 117 -32.40 19.15 6.25
CA PRO A 117 -33.52 18.21 6.12
C PRO A 117 -33.46 17.35 4.85
N ILE A 118 -32.32 16.71 4.60
CA ILE A 118 -32.15 15.87 3.43
C ILE A 118 -31.62 14.51 3.85
N GLU A 119 -32.19 13.44 3.28
CA GLU A 119 -31.80 12.09 3.66
C GLU A 119 -31.39 11.24 2.47
N SER A 120 -31.54 11.78 1.26
CA SER A 120 -31.28 11.00 0.06
C SER A 120 -31.25 11.85 -1.19
N ALA A 121 -30.76 11.27 -2.27
CA ALA A 121 -30.75 11.94 -3.57
C ALA A 121 -32.18 12.22 -4.02
N GLU A 122 -33.07 11.25 -3.77
CA GLU A 122 -34.49 11.45 -4.04
C GLU A 122 -35.00 12.69 -3.30
N ASP A 123 -34.65 12.82 -2.03
CA ASP A 123 -35.03 14.00 -1.25
C ASP A 123 -34.57 15.28 -1.96
N LEU A 124 -33.29 15.33 -2.34
CA LEU A 124 -32.74 16.47 -3.06
C LEU A 124 -33.53 16.80 -4.33
N SER A 125 -33.93 15.77 -5.06
CA SER A 125 -34.56 15.94 -6.35
C SER A 125 -35.99 16.46 -6.26
N LYS A 126 -36.69 16.13 -5.18
CA LYS A 126 -38.08 16.51 -5.01
C LYS A 126 -38.28 17.91 -4.42
N GLN A 127 -37.22 18.73 -4.39
CA GLN A 127 -37.32 20.02 -3.71
C GLN A 127 -36.40 21.07 -4.33
N THR A 128 -36.60 22.33 -3.96
CA THR A 128 -35.84 23.43 -4.57
C THR A 128 -35.18 24.37 -3.56
N GLU A 129 -35.66 24.36 -2.33
CA GLU A 129 -35.14 25.28 -1.31
C GLU A 129 -33.63 25.09 -1.10
N ILE A 130 -33.21 23.83 -1.08
CA ILE A 130 -31.80 23.48 -0.92
C ILE A 130 -31.16 23.29 -2.28
N ALA A 131 -30.21 24.16 -2.61
CA ALA A 131 -29.45 24.01 -3.84
C ALA A 131 -28.43 22.88 -3.69
N TYR A 132 -27.89 22.41 -4.81
CA TYR A 132 -26.87 21.39 -4.80
C TYR A 132 -26.05 21.36 -6.09
N GLY A 133 -24.76 21.01 -5.97
CA GLY A 133 -23.86 20.98 -7.10
C GLY A 133 -22.74 19.97 -6.95
N THR A 134 -21.81 19.99 -7.90
CA THR A 134 -20.67 19.09 -7.89
C THR A 134 -19.44 19.82 -8.36
N LEU A 135 -18.30 19.11 -8.37
CA LEU A 135 -17.06 19.61 -8.91
C LEU A 135 -17.05 19.62 -10.45
N ASP A 136 -16.41 20.62 -11.06
CA ASP A 136 -16.16 20.66 -12.50
C ASP A 136 -15.09 19.66 -12.95
N SER A 137 -15.15 19.25 -14.22
CA SER A 137 -14.09 18.44 -14.86
C SER A 137 -13.76 17.13 -14.13
N GLY A 138 -14.77 16.53 -13.52
CA GLY A 138 -14.56 15.31 -12.77
C GLY A 138 -15.61 14.25 -13.06
N SER A 139 -15.40 13.06 -12.51
CA SER A 139 -16.25 11.94 -12.79
C SER A 139 -17.65 12.10 -12.18
N THR A 140 -17.75 12.87 -11.11
CA THR A 140 -19.07 13.03 -10.48
C THR A 140 -20.02 13.82 -11.39
N LYS A 141 -19.53 14.91 -11.95
CA LYS A 141 -20.34 15.70 -12.86
C LYS A 141 -20.73 14.86 -14.07
N GLU A 142 -19.77 14.13 -14.62
CA GLU A 142 -20.03 13.30 -15.78
C GLU A 142 -21.06 12.24 -15.44
N PHE A 143 -21.04 11.74 -14.21
CA PHE A 143 -22.00 10.73 -13.78
C PHE A 143 -23.42 11.26 -13.92
N PHE A 144 -23.66 12.47 -13.44
CA PHE A 144 -25.00 13.05 -13.55
C PHE A 144 -25.37 13.38 -14.99
N ARG A 145 -24.45 14.00 -15.71
CA ARG A 145 -24.72 14.35 -17.10
C ARG A 145 -25.18 13.14 -17.90
N ARG A 146 -24.61 11.98 -17.62
CA ARG A 146 -24.83 10.78 -18.43
C ARG A 146 -25.94 9.87 -17.94
N SER A 147 -26.34 10.03 -16.68
CA SER A 147 -27.24 9.06 -16.05
C SER A 147 -28.62 8.99 -16.70
N LYS A 148 -29.17 7.78 -16.79
CA LYS A 148 -30.52 7.56 -17.32
C LYS A 148 -31.50 7.33 -16.19
N ILE A 149 -30.98 7.11 -14.98
CA ILE A 149 -31.82 6.91 -13.82
C ILE A 149 -32.64 8.16 -13.54
N ALA A 150 -33.96 8.00 -13.50
CA ALA A 150 -34.88 9.11 -13.31
C ALA A 150 -34.41 10.17 -12.31
N VAL A 151 -34.11 9.73 -11.09
CA VAL A 151 -33.71 10.62 -10.01
C VAL A 151 -32.45 11.41 -10.33
N PHE A 152 -31.46 10.75 -10.95
CA PHE A 152 -30.18 11.40 -11.22
C PHE A 152 -30.26 12.33 -12.44
N ASP A 153 -31.04 11.95 -13.45
CA ASP A 153 -31.26 12.84 -14.59
C ASP A 153 -32.04 14.11 -14.19
N LYS A 154 -32.99 13.94 -13.27
CA LYS A 154 -33.74 15.07 -12.74
C LYS A 154 -32.83 16.05 -12.03
N MET A 155 -31.92 15.52 -11.20
CA MET A 155 -30.96 16.36 -10.51
C MET A 155 -30.05 17.07 -11.51
N TRP A 156 -29.62 16.34 -12.54
CA TRP A 156 -28.76 16.92 -13.57
C TRP A 156 -29.44 18.08 -14.31
N THR A 157 -30.71 17.90 -14.61
CA THR A 157 -31.46 18.93 -15.33
C THR A 157 -31.55 20.20 -14.49
N TYR A 158 -31.75 20.06 -13.19
CA TYR A 158 -31.70 21.21 -12.29
C TYR A 158 -30.30 21.83 -12.25
N MET A 159 -29.29 21.00 -11.97
CA MET A 159 -27.94 21.51 -11.79
C MET A 159 -27.41 22.23 -13.02
N ARG A 160 -27.62 21.64 -14.20
CA ARG A 160 -27.07 22.22 -15.42
C ARG A 160 -27.67 23.60 -15.71
N SER A 161 -28.86 23.86 -15.19
CA SER A 161 -29.56 25.11 -15.51
C SER A 161 -29.60 26.09 -14.36
N ALA A 162 -29.13 25.67 -13.20
CA ALA A 162 -29.25 26.51 -12.01
C ALA A 162 -28.38 27.76 -12.15
N GLU A 163 -28.89 28.87 -11.64
CA GLU A 163 -28.13 30.11 -11.61
C GLU A 163 -28.39 30.79 -10.27
N PRO A 164 -27.32 31.30 -9.63
CA PRO A 164 -25.95 31.21 -10.17
C PRO A 164 -25.47 29.75 -10.17
N SER A 165 -24.30 29.49 -10.75
CA SER A 165 -23.77 28.14 -10.89
C SER A 165 -23.69 27.37 -9.58
N VAL A 166 -24.08 26.11 -9.61
CA VAL A 166 -23.96 25.25 -8.44
C VAL A 166 -22.64 24.48 -8.49
N PHE A 167 -21.92 24.62 -9.59
CA PHE A 167 -20.68 23.88 -9.77
C PHE A 167 -19.50 24.66 -9.18
N VAL A 168 -18.48 23.94 -8.74
CA VAL A 168 -17.34 24.55 -8.09
C VAL A 168 -16.06 24.04 -8.72
N ARG A 169 -14.98 24.79 -8.62
CA ARG A 169 -13.76 24.38 -9.28
C ARG A 169 -12.87 23.46 -8.41
N THR A 170 -13.05 23.50 -7.09
CA THR A 170 -12.28 22.65 -6.19
C THR A 170 -13.12 22.10 -5.04
N THR A 171 -12.71 20.96 -4.52
CA THR A 171 -13.42 20.32 -3.41
C THR A 171 -13.55 21.30 -2.24
N ALA A 172 -12.48 22.03 -1.96
CA ALA A 172 -12.46 22.96 -0.84
C ALA A 172 -13.53 24.03 -1.02
N GLU A 173 -13.72 24.43 -2.27
CA GLU A 173 -14.74 25.41 -2.62
C GLU A 173 -16.12 24.84 -2.32
N GLY A 174 -16.32 23.57 -2.63
CA GLY A 174 -17.58 22.92 -2.34
C GLY A 174 -17.89 22.91 -0.85
N VAL A 175 -16.96 22.40 -0.07
CA VAL A 175 -17.14 22.28 1.37
C VAL A 175 -17.42 23.64 2.01
N ALA A 176 -16.63 24.64 1.63
CA ALA A 176 -16.83 25.98 2.16
C ALA A 176 -18.25 26.47 1.88
N ARG A 177 -18.77 26.14 0.69
CA ARG A 177 -20.10 26.60 0.31
C ARG A 177 -21.14 25.92 1.17
N VAL A 178 -20.92 24.65 1.46
CA VAL A 178 -21.82 23.94 2.35
C VAL A 178 -21.81 24.65 3.70
N ARG A 179 -20.61 24.89 4.20
CA ARG A 179 -20.44 25.51 5.52
C ARG A 179 -21.01 26.92 5.59
N LYS A 180 -20.86 27.69 4.52
CA LYS A 180 -21.28 29.10 4.51
C LYS A 180 -22.78 29.30 4.25
N SER A 181 -23.45 28.25 3.79
CA SER A 181 -24.80 28.42 3.26
C SER A 181 -25.94 28.06 4.22
N LYS A 182 -25.61 27.88 5.50
CA LYS A 182 -26.61 27.74 6.54
C LYS A 182 -27.64 26.66 6.28
N GLY A 183 -27.28 25.65 5.49
CA GLY A 183 -28.16 24.54 5.21
C GLY A 183 -28.80 24.55 3.83
N LYS A 184 -28.58 25.63 3.08
CA LYS A 184 -29.22 25.80 1.77
C LYS A 184 -28.38 25.28 0.60
N TYR A 185 -27.21 24.75 0.90
CA TYR A 185 -26.39 24.13 -0.14
C TYR A 185 -25.95 22.72 0.27
N ALA A 186 -26.24 21.73 -0.59
CA ALA A 186 -25.70 20.39 -0.40
C ALA A 186 -24.65 20.14 -1.48
N TYR A 187 -23.65 19.33 -1.16
CA TYR A 187 -22.54 19.10 -2.08
C TYR A 187 -22.43 17.63 -2.43
N LEU A 188 -22.30 17.36 -3.72
CA LEU A 188 -22.19 16.00 -4.22
C LEU A 188 -20.74 15.72 -4.54
N LEU A 189 -20.15 14.78 -3.82
CA LEU A 189 -18.73 14.49 -3.92
C LEU A 189 -18.49 13.05 -3.49
N GLU A 190 -17.29 12.56 -3.75
CA GLU A 190 -16.99 11.16 -3.48
C GLU A 190 -16.92 10.87 -1.98
N SER A 191 -17.37 9.68 -1.59
CA SER A 191 -17.49 9.31 -0.16
C SER A 191 -16.19 9.48 0.62
N THR A 192 -15.07 9.16 -0.02
CA THR A 192 -13.77 9.25 0.63
C THR A 192 -13.46 10.67 1.11
N MET A 193 -13.66 11.65 0.22
CA MET A 193 -13.46 13.06 0.58
C MET A 193 -14.50 13.53 1.58
N ASN A 194 -15.71 12.99 1.45
CA ASN A 194 -16.82 13.32 2.36
C ASN A 194 -16.47 12.84 3.76
N GLU A 195 -16.07 11.57 3.88
CA GLU A 195 -15.68 10.99 5.16
C GLU A 195 -14.52 11.74 5.81
N TYR A 196 -13.58 12.18 5.00
CA TYR A 196 -12.44 12.93 5.52
C TYR A 196 -12.88 14.25 6.16
N ILE A 197 -13.68 15.02 5.42
CA ILE A 197 -14.16 16.32 5.89
C ILE A 197 -14.99 16.20 7.17
N GLU A 198 -15.81 15.16 7.23
CA GLU A 198 -16.61 14.82 8.41
C GLU A 198 -15.76 14.73 9.68
N GLN A 199 -14.48 14.36 9.51
CA GLN A 199 -13.61 14.16 10.66
C GLN A 199 -12.69 15.34 10.94
N ARG A 200 -12.97 16.48 10.31
CA ARG A 200 -12.15 17.67 10.52
C ARG A 200 -12.97 18.77 11.18
N LYS A 201 -12.34 19.54 12.04
CA LYS A 201 -12.98 20.72 12.62
C LYS A 201 -13.41 21.59 11.44
N PRO A 202 -14.54 22.31 11.56
CA PRO A 202 -15.40 22.52 12.73
C PRO A 202 -16.44 21.43 12.99
N CYS A 203 -16.36 20.29 12.32
CA CYS A 203 -17.28 19.19 12.57
C CYS A 203 -18.76 19.56 12.36
N ASP A 204 -19.02 20.35 11.33
CA ASP A 204 -20.38 20.84 11.06
C ASP A 204 -21.01 20.22 9.82
N THR A 205 -20.28 19.32 9.15
CA THR A 205 -20.84 18.67 7.97
C THR A 205 -20.94 17.17 8.21
N MET A 206 -21.76 16.50 7.41
CA MET A 206 -21.87 15.06 7.49
C MET A 206 -22.31 14.45 6.16
N LYS A 207 -21.99 13.16 6.00
CA LYS A 207 -22.43 12.38 4.86
C LYS A 207 -23.77 11.74 5.21
N VAL A 208 -24.78 11.96 4.37
CA VAL A 208 -26.09 11.35 4.61
C VAL A 208 -26.48 10.45 3.46
N GLY A 209 -27.23 9.41 3.78
CA GLY A 209 -27.75 8.50 2.77
C GLY A 209 -26.70 7.47 2.37
N GLY A 210 -27.09 6.53 1.53
CA GLY A 210 -26.16 5.59 0.97
C GLY A 210 -25.47 6.26 -0.20
N ASN A 211 -24.45 5.62 -0.75
CA ASN A 211 -23.77 6.14 -1.92
C ASN A 211 -24.62 5.94 -3.17
N LEU A 212 -24.51 6.87 -4.12
CA LEU A 212 -25.28 6.81 -5.36
C LEU A 212 -24.70 5.79 -6.33
N ASP A 213 -23.45 5.42 -6.15
CA ASP A 213 -22.81 4.43 -7.00
C ASP A 213 -21.63 3.78 -6.29
N SER A 214 -20.97 2.85 -6.97
CA SER A 214 -19.81 2.18 -6.41
C SER A 214 -18.73 2.05 -7.46
N LYS A 215 -17.56 2.60 -7.16
CA LYS A 215 -16.43 2.51 -8.06
C LYS A 215 -15.16 2.60 -7.24
N GLY A 216 -14.04 2.89 -7.90
CA GLY A 216 -12.80 3.02 -7.15
C GLY A 216 -11.79 3.91 -7.83
N TYR A 217 -10.73 4.27 -7.11
CA TYR A 217 -9.58 4.95 -7.72
C TYR A 217 -8.58 3.92 -8.18
N GLY A 218 -7.96 4.17 -9.32
CA GLY A 218 -6.91 3.30 -9.81
C GLY A 218 -5.71 4.14 -10.16
N ILE A 219 -4.53 3.53 -10.17
CA ILE A 219 -3.32 4.20 -10.63
C ILE A 219 -3.31 4.13 -12.14
N ALA A 220 -3.11 5.29 -12.79
CA ALA A 220 -3.25 5.36 -14.23
C ALA A 220 -1.91 5.52 -14.94
N THR A 221 -1.80 4.88 -16.10
CA THR A 221 -0.63 4.99 -16.97
C THR A 221 -1.08 5.20 -18.42
N PRO A 222 -0.18 5.75 -19.28
CA PRO A 222 -0.56 5.90 -20.69
C PRO A 222 -0.83 4.55 -21.33
N LYS A 223 -1.73 4.49 -22.30
CA LYS A 223 -2.08 3.22 -22.92
C LYS A 223 -0.84 2.56 -23.49
N GLY A 224 -0.67 1.27 -23.20
CA GLY A 224 0.49 0.52 -23.66
C GLY A 224 1.80 0.87 -22.98
N SER A 225 1.72 1.35 -21.74
CA SER A 225 2.93 1.65 -21.00
C SER A 225 3.54 0.39 -20.38
N SER A 226 4.86 0.34 -20.29
CA SER A 226 5.57 -0.80 -19.71
C SER A 226 5.42 -0.86 -18.19
N LEU A 227 4.97 0.24 -17.59
CA LEU A 227 4.80 0.30 -16.13
C LEU A 227 3.53 -0.41 -15.71
N GLY A 228 2.58 -0.49 -16.62
CA GLY A 228 1.25 -0.99 -16.32
C GLY A 228 1.23 -2.27 -15.51
N ASN A 229 1.90 -3.30 -16.02
CA ASN A 229 1.87 -4.60 -15.38
C ASN A 229 2.42 -4.59 -13.94
N ALA A 230 3.61 -4.01 -13.76
CA ALA A 230 4.25 -4.02 -12.45
C ALA A 230 3.47 -3.21 -11.40
N VAL A 231 2.90 -2.09 -11.83
CA VAL A 231 2.15 -1.24 -10.94
C VAL A 231 0.89 -1.97 -10.45
N ASN A 232 0.25 -2.71 -11.35
CA ASN A 232 -0.95 -3.46 -10.99
C ASN A 232 -0.62 -4.50 -9.92
N LEU A 233 0.41 -5.29 -10.18
CA LEU A 233 0.80 -6.32 -9.23
C LEU A 233 1.18 -5.70 -7.89
N ALA A 234 1.84 -4.54 -7.93
CA ALA A 234 2.21 -3.86 -6.71
C ALA A 234 1.00 -3.46 -5.88
N VAL A 235 -0.03 -2.94 -6.52
CA VAL A 235 -1.24 -2.54 -5.80
C VAL A 235 -1.91 -3.75 -5.13
N LEU A 236 -2.01 -4.85 -5.85
CA LEU A 236 -2.60 -6.07 -5.29
C LEU A 236 -1.79 -6.53 -4.09
N LYS A 237 -0.48 -6.59 -4.25
CA LYS A 237 0.41 -6.99 -3.15
C LYS A 237 0.20 -6.14 -1.89
N LEU A 238 0.24 -4.83 -2.06
CA LEU A 238 0.11 -3.92 -0.93
C LEU A 238 -1.29 -4.05 -0.33
N SER A 239 -2.28 -4.24 -1.20
CA SER A 239 -3.64 -4.46 -0.75
C SER A 239 -3.72 -5.68 0.17
N GLU A 240 -3.17 -6.79 -0.30
CA GLU A 240 -3.24 -8.07 0.41
C GLU A 240 -2.45 -8.07 1.71
N GLN A 241 -1.35 -7.32 1.74
CA GLN A 241 -0.55 -7.23 2.97
C GLN A 241 -1.18 -6.25 3.97
N GLY A 242 -2.29 -5.63 3.59
CA GLY A 242 -2.98 -4.70 4.46
C GLY A 242 -2.51 -3.24 4.46
N LEU A 243 -1.56 -2.89 3.58
CA LEU A 243 -1.02 -1.53 3.61
C LEU A 243 -2.04 -0.45 3.27
N LEU A 244 -2.89 -0.72 2.29
CA LEU A 244 -3.88 0.26 1.86
C LEU A 244 -4.81 0.61 3.02
N ASP A 245 -5.26 -0.40 3.75
CA ASP A 245 -6.12 -0.15 4.91
C ASP A 245 -5.38 0.66 5.97
N LYS A 246 -4.12 0.31 6.21
CA LYS A 246 -3.31 1.01 7.20
C LYS A 246 -3.16 2.49 6.83
N LEU A 247 -2.89 2.77 5.56
CA LEU A 247 -2.77 4.14 5.07
C LEU A 247 -4.08 4.93 5.20
N LYS A 248 -5.19 4.30 4.87
CA LYS A 248 -6.46 4.97 5.00
C LYS A 248 -6.67 5.36 6.46
N ASN A 249 -6.45 4.43 7.37
CA ASN A 249 -6.58 4.75 8.79
C ASN A 249 -5.69 5.91 9.24
N LYS A 250 -4.46 5.92 8.78
CA LYS A 250 -3.49 6.95 9.14
C LYS A 250 -3.96 8.34 8.76
N TRP A 251 -4.44 8.50 7.54
CA TRP A 251 -4.76 9.83 7.02
C TRP A 251 -6.20 10.26 7.25
N TRP A 252 -7.09 9.32 7.53
CA TRP A 252 -8.50 9.64 7.74
C TRP A 252 -8.90 9.70 9.19
N TYR A 253 -8.66 8.60 9.90
CA TYR A 253 -9.29 8.38 11.17
C TYR A 253 -8.36 8.48 12.37
N ASP A 254 -7.09 8.13 12.16
CA ASP A 254 -6.11 8.22 13.24
C ASP A 254 -5.96 9.68 13.64
N LYS A 255 -5.97 10.55 12.63
CA LYS A 255 -5.85 11.99 12.83
C LYS A 255 -7.19 12.64 13.17
N GLY A 256 -8.23 11.82 13.36
CA GLY A 256 -9.57 12.33 13.57
C GLY A 256 -9.64 13.50 14.53
N GLU A 257 -10.41 14.53 14.18
CA GLU A 257 -10.54 15.74 14.99
C GLU A 257 -11.93 15.89 15.61
N CYS A 258 -12.85 15.00 15.25
CA CYS A 258 -14.22 15.11 15.73
C CYS A 258 -14.56 13.96 16.66
N LYS B 1 -17.57 -18.98 -33.39
CA LYS B 1 -17.20 -19.91 -32.32
C LYS B 1 -17.92 -19.59 -31.02
N THR B 2 -18.40 -20.62 -30.34
CA THR B 2 -19.13 -20.43 -29.10
C THR B 2 -18.17 -20.40 -27.92
N VAL B 3 -18.32 -19.38 -27.07
CA VAL B 3 -17.38 -19.18 -25.96
C VAL B 3 -17.72 -20.11 -24.82
N VAL B 4 -16.75 -20.91 -24.40
CA VAL B 4 -16.93 -21.79 -23.25
C VAL B 4 -16.72 -21.00 -21.96
N VAL B 5 -17.79 -20.84 -21.19
CA VAL B 5 -17.74 -20.12 -19.93
C VAL B 5 -17.69 -21.09 -18.76
N THR B 6 -16.66 -21.00 -17.93
CA THR B 6 -16.63 -21.81 -16.71
C THR B 6 -17.25 -21.02 -15.57
N THR B 7 -17.99 -21.71 -14.72
CA THR B 7 -18.58 -21.10 -13.56
C THR B 7 -18.77 -22.18 -12.50
N ILE B 8 -19.39 -21.83 -11.38
CA ILE B 8 -19.49 -22.72 -10.24
C ILE B 8 -20.88 -22.63 -9.61
N LEU B 9 -21.41 -23.75 -9.13
CA LEU B 9 -22.69 -23.74 -8.43
C LEU B 9 -22.55 -23.07 -7.07
N GLU B 10 -23.05 -21.85 -6.96
CA GLU B 10 -22.91 -21.05 -5.76
C GLU B 10 -24.06 -20.04 -5.73
N SER B 11 -24.91 -20.12 -4.72
CA SER B 11 -26.06 -19.22 -4.61
C SER B 11 -25.60 -17.85 -4.12
N PRO B 12 -26.16 -16.77 -4.69
CA PRO B 12 -27.17 -16.72 -5.74
C PRO B 12 -26.54 -16.44 -7.10
N TYR B 13 -25.29 -16.87 -7.28
CA TYR B 13 -24.57 -16.55 -8.50
C TYR B 13 -25.00 -17.45 -9.65
N VAL B 14 -24.91 -18.76 -9.40
CA VAL B 14 -25.31 -19.76 -10.38
C VAL B 14 -26.02 -20.87 -9.62
N MET B 15 -27.29 -21.08 -9.98
CA MET B 15 -28.14 -22.09 -9.36
C MET B 15 -28.94 -22.79 -10.45
N MET B 16 -29.11 -24.11 -10.33
CA MET B 16 -30.06 -24.84 -11.17
C MET B 16 -31.46 -24.31 -10.91
N LYS B 17 -32.20 -23.95 -11.95
CA LYS B 17 -33.58 -23.52 -11.77
C LYS B 17 -34.40 -24.67 -11.19
N LYS B 18 -35.57 -24.36 -10.66
CA LYS B 18 -36.44 -25.42 -10.13
C LYS B 18 -37.02 -26.29 -11.24
N ASN B 19 -37.18 -25.74 -12.44
CA ASN B 19 -37.76 -26.47 -13.55
C ASN B 19 -36.74 -27.20 -14.42
N HIS B 20 -35.49 -26.76 -14.38
CA HIS B 20 -34.43 -27.25 -15.28
C HIS B 20 -34.80 -28.47 -16.12
N GLU B 21 -34.17 -29.62 -15.83
CA GLU B 21 -34.18 -30.84 -16.65
C GLU B 21 -35.19 -30.94 -17.85
N MET B 22 -36.27 -30.15 -17.82
CA MET B 22 -37.12 -29.88 -18.99
C MET B 22 -36.61 -28.71 -19.87
N LEU B 23 -35.56 -28.05 -19.43
CA LEU B 23 -34.97 -26.97 -20.20
C LEU B 23 -33.64 -27.46 -20.75
N GLU B 24 -33.08 -26.72 -21.69
CA GLU B 24 -31.80 -27.14 -22.28
C GLU B 24 -30.72 -26.07 -22.16
N GLY B 25 -29.47 -26.51 -22.15
CA GLY B 25 -28.32 -25.62 -22.16
C GLY B 25 -28.35 -24.54 -21.11
N ASN B 26 -28.01 -23.32 -21.51
CA ASN B 26 -27.90 -22.20 -20.59
C ASN B 26 -29.17 -21.96 -19.78
N GLU B 27 -30.30 -22.31 -20.37
CA GLU B 27 -31.61 -22.07 -19.77
C GLU B 27 -31.83 -22.83 -18.47
N ARG B 28 -31.00 -23.83 -18.21
CA ARG B 28 -31.15 -24.63 -17.02
C ARG B 28 -30.78 -23.86 -15.78
N TYR B 29 -30.05 -22.75 -15.95
CA TYR B 29 -29.48 -22.02 -14.82
C TYR B 29 -30.04 -20.61 -14.64
N GLU B 30 -29.97 -20.12 -13.41
CA GLU B 30 -30.36 -18.75 -13.11
C GLU B 30 -29.47 -18.17 -12.03
N GLY B 31 -29.45 -16.84 -11.91
CA GLY B 31 -28.65 -16.19 -10.89
C GLY B 31 -27.91 -14.96 -11.37
N TYR B 32 -27.29 -14.27 -10.42
CA TYR B 32 -26.58 -13.04 -10.72
C TYR B 32 -25.61 -13.21 -11.88
N CYS B 33 -24.77 -14.24 -11.81
CA CYS B 33 -23.74 -14.47 -12.81
C CYS B 33 -24.29 -14.99 -14.14
N VAL B 34 -25.43 -15.66 -14.07
CA VAL B 34 -26.11 -16.10 -15.29
C VAL B 34 -26.61 -14.87 -16.03
N ASP B 35 -27.22 -13.95 -15.29
CA ASP B 35 -27.67 -12.68 -15.87
C ASP B 35 -26.48 -11.88 -16.36
N LEU B 36 -25.40 -11.88 -15.57
CA LEU B 36 -24.21 -11.13 -15.95
C LEU B 36 -23.59 -11.70 -17.23
N ALA B 37 -23.49 -13.02 -17.31
CA ALA B 37 -22.92 -13.63 -18.51
C ALA B 37 -23.72 -13.16 -19.73
N ALA B 38 -25.04 -13.17 -19.60
CA ALA B 38 -25.91 -12.79 -20.71
C ALA B 38 -25.62 -11.39 -21.24
N GLU B 39 -25.56 -10.41 -20.35
CA GLU B 39 -25.27 -9.03 -20.75
C GLU B 39 -23.87 -8.93 -21.35
N ILE B 40 -22.88 -9.50 -20.67
CA ILE B 40 -21.51 -9.46 -21.13
C ILE B 40 -21.44 -10.00 -22.56
N ALA B 41 -22.07 -11.15 -22.79
CA ALA B 41 -22.10 -11.71 -24.14
C ALA B 41 -22.79 -10.75 -25.10
N LYS B 42 -23.90 -10.17 -24.66
CA LYS B 42 -24.64 -9.22 -25.47
C LYS B 42 -23.75 -8.07 -25.94
N HIS B 43 -23.08 -7.41 -25.00
CA HIS B 43 -22.29 -6.24 -25.34
C HIS B 43 -20.98 -6.56 -26.08
N CYS B 44 -20.50 -7.78 -25.93
CA CYS B 44 -19.26 -8.18 -26.58
C CYS B 44 -19.53 -8.86 -27.92
N GLY B 45 -20.77 -9.25 -28.13
CA GLY B 45 -21.19 -9.90 -29.36
C GLY B 45 -20.68 -11.30 -29.57
N PHE B 46 -20.80 -12.15 -28.55
CA PHE B 46 -20.48 -13.56 -28.72
C PHE B 46 -21.55 -14.49 -28.17
N LYS B 47 -21.60 -15.69 -28.75
CA LYS B 47 -22.46 -16.76 -28.22
C LYS B 47 -21.64 -17.58 -27.24
N TYR B 48 -22.31 -18.22 -26.28
CA TYR B 48 -21.57 -18.89 -25.21
C TYR B 48 -22.31 -20.10 -24.65
N LYS B 49 -21.56 -20.95 -23.95
CA LYS B 49 -22.12 -22.09 -23.24
C LYS B 49 -21.65 -22.14 -21.78
N LEU B 50 -22.59 -22.06 -20.85
CA LEU B 50 -22.25 -22.14 -19.44
C LEU B 50 -21.93 -23.57 -19.07
N THR B 51 -20.76 -23.79 -18.46
CA THR B 51 -20.37 -25.11 -17.97
C THR B 51 -19.94 -25.00 -16.52
N ILE B 52 -20.42 -25.92 -15.69
CA ILE B 52 -20.01 -25.92 -14.30
C ILE B 52 -18.64 -26.57 -14.17
N VAL B 53 -17.72 -25.84 -13.52
CA VAL B 53 -16.35 -26.31 -13.28
C VAL B 53 -16.29 -27.75 -12.81
N GLY B 54 -15.44 -28.53 -13.46
CA GLY B 54 -15.41 -29.96 -13.29
C GLY B 54 -15.17 -30.42 -11.88
N ASP B 55 -14.17 -29.84 -11.22
CA ASP B 55 -13.80 -30.27 -9.88
C ASP B 55 -14.54 -29.48 -8.76
N GLY B 56 -15.40 -28.55 -9.16
CA GLY B 56 -16.21 -27.81 -8.20
C GLY B 56 -15.46 -26.82 -7.32
N LYS B 57 -14.27 -26.41 -7.74
CA LYS B 57 -13.40 -25.51 -6.95
C LYS B 57 -13.15 -24.18 -7.61
N TYR B 58 -12.78 -23.19 -6.81
CA TYR B 58 -12.49 -21.85 -7.32
C TYR B 58 -11.15 -21.81 -8.01
N GLY B 59 -10.12 -22.25 -7.31
CA GLY B 59 -8.81 -22.36 -7.91
C GLY B 59 -7.68 -22.06 -6.95
N ALA B 60 -6.79 -23.03 -6.79
CA ALA B 60 -5.56 -22.82 -6.05
C ALA B 60 -4.48 -23.66 -6.69
N ARG B 61 -3.22 -23.31 -6.43
CA ARG B 61 -2.09 -24.04 -6.97
C ARG B 61 -1.54 -25.04 -5.95
N ASP B 62 -1.40 -26.28 -6.37
CA ASP B 62 -0.87 -27.34 -5.53
C ASP B 62 0.59 -27.06 -5.13
N ALA B 63 0.86 -27.10 -3.82
CA ALA B 63 2.18 -26.75 -3.29
C ALA B 63 3.32 -27.54 -3.94
N ASP B 64 3.11 -28.83 -4.12
CA ASP B 64 4.15 -29.72 -4.62
C ASP B 64 4.22 -29.74 -6.15
N THR B 65 3.08 -29.89 -6.80
CA THR B 65 3.05 -30.06 -8.25
C THR B 65 3.06 -28.72 -9.00
N LYS B 66 2.57 -27.67 -8.35
CA LYS B 66 2.42 -26.35 -8.99
C LYS B 66 1.30 -26.35 -10.03
N ILE B 67 0.42 -27.34 -9.95
CA ILE B 67 -0.69 -27.41 -10.87
C ILE B 67 -1.93 -26.71 -10.30
N TRP B 68 -2.52 -25.84 -11.11
CA TRP B 68 -3.74 -25.13 -10.72
C TRP B 68 -5.00 -26.00 -10.85
N ASN B 69 -5.90 -25.90 -9.88
CA ASN B 69 -7.18 -26.60 -9.99
C ASN B 69 -8.32 -25.59 -10.14
N GLY B 70 -9.55 -26.07 -10.06
CA GLY B 70 -10.74 -25.22 -10.14
C GLY B 70 -10.89 -24.43 -11.44
N MET B 71 -11.67 -23.35 -11.37
CA MET B 71 -11.92 -22.50 -12.53
C MET B 71 -10.63 -21.85 -13.01
N VAL B 72 -9.72 -21.53 -12.09
CA VAL B 72 -8.43 -20.97 -12.48
C VAL B 72 -7.70 -21.96 -13.40
N GLY B 73 -7.64 -23.21 -12.97
CA GLY B 73 -7.03 -24.26 -13.76
C GLY B 73 -7.68 -24.41 -15.12
N GLU B 74 -9.00 -24.33 -15.15
CA GLU B 74 -9.72 -24.41 -16.43
C GLU B 74 -9.21 -23.38 -17.44
N LEU B 75 -9.02 -22.15 -16.99
CA LEU B 75 -8.48 -21.09 -17.84
C LEU B 75 -7.01 -21.31 -18.21
N VAL B 76 -6.20 -21.63 -17.21
CA VAL B 76 -4.77 -21.82 -17.39
C VAL B 76 -4.48 -22.95 -18.37
N TYR B 77 -5.22 -24.05 -18.26
CA TYR B 77 -4.91 -25.21 -19.10
C TYR B 77 -5.74 -25.31 -20.37
N GLY B 78 -6.51 -24.26 -20.64
CA GLY B 78 -7.22 -24.12 -21.89
C GLY B 78 -8.51 -24.90 -22.01
N LYS B 79 -9.11 -25.25 -20.87
CA LYS B 79 -10.38 -25.98 -20.87
C LYS B 79 -11.57 -25.03 -20.99
N ALA B 80 -11.35 -23.75 -20.68
CA ALA B 80 -12.39 -22.75 -20.81
C ALA B 80 -11.83 -21.43 -21.33
N ASP B 81 -12.70 -20.62 -21.92
CA ASP B 81 -12.32 -19.36 -22.54
C ASP B 81 -12.52 -18.18 -21.60
N ILE B 82 -13.38 -18.37 -20.61
CA ILE B 82 -13.66 -17.28 -19.67
C ILE B 82 -14.36 -17.82 -18.44
N ALA B 83 -14.07 -17.23 -17.29
CA ALA B 83 -14.77 -17.58 -16.07
C ALA B 83 -15.66 -16.42 -15.65
N ILE B 84 -16.92 -16.71 -15.38
CA ILE B 84 -17.88 -15.70 -14.91
C ILE B 84 -18.49 -16.25 -13.65
N ALA B 85 -17.96 -15.84 -12.51
CA ALA B 85 -18.27 -16.46 -11.23
C ALA B 85 -17.82 -15.52 -10.12
N PRO B 86 -18.21 -15.82 -8.88
CA PRO B 86 -17.73 -15.06 -7.71
C PRO B 86 -16.25 -15.36 -7.47
N LEU B 87 -15.42 -15.02 -8.45
CA LEU B 87 -14.01 -15.38 -8.41
C LEU B 87 -13.15 -14.19 -7.95
N THR B 88 -12.48 -14.36 -6.82
CA THR B 88 -11.75 -13.28 -6.17
C THR B 88 -10.45 -12.88 -6.88
N ILE B 89 -10.30 -11.58 -7.10
CA ILE B 89 -9.07 -11.03 -7.65
C ILE B 89 -7.98 -11.10 -6.60
N THR B 90 -6.92 -11.85 -6.89
CA THR B 90 -5.78 -11.94 -5.98
C THR B 90 -4.48 -11.86 -6.76
N LEU B 91 -3.39 -11.61 -6.04
CA LEU B 91 -2.08 -11.47 -6.64
C LEU B 91 -1.60 -12.74 -7.32
N VAL B 92 -1.67 -13.88 -6.62
CA VAL B 92 -1.18 -15.13 -7.21
C VAL B 92 -1.98 -15.54 -8.45
N ARG B 93 -3.27 -15.23 -8.47
CA ARG B 93 -4.07 -15.49 -9.66
C ARG B 93 -3.79 -14.50 -10.80
N GLU B 94 -3.65 -13.23 -10.47
CA GLU B 94 -3.39 -12.19 -11.47
C GLU B 94 -2.04 -12.45 -12.18
N GLU B 95 -1.21 -13.27 -11.55
CA GLU B 95 0.07 -13.68 -12.13
C GLU B 95 -0.09 -14.68 -13.28
N VAL B 96 -1.21 -15.41 -13.31
CA VAL B 96 -1.40 -16.47 -14.32
C VAL B 96 -2.62 -16.29 -15.22
N ILE B 97 -3.59 -15.49 -14.77
CA ILE B 97 -4.74 -15.16 -15.61
C ILE B 97 -5.04 -13.66 -15.54
N ASP B 98 -5.94 -13.19 -16.40
CA ASP B 98 -6.36 -11.80 -16.40
C ASP B 98 -7.73 -11.63 -15.77
N PHE B 99 -7.90 -10.54 -15.04
CA PHE B 99 -9.16 -10.18 -14.41
C PHE B 99 -9.62 -8.85 -14.96
N SER B 100 -10.93 -8.72 -15.18
CA SER B 100 -11.54 -7.44 -15.47
C SER B 100 -11.53 -6.60 -14.20
N LYS B 101 -11.84 -5.31 -14.32
CA LYS B 101 -12.14 -4.51 -13.14
C LYS B 101 -13.24 -5.23 -12.37
N PRO B 102 -13.28 -5.04 -11.04
CA PRO B 102 -14.25 -5.82 -10.25
C PRO B 102 -15.70 -5.50 -10.58
N PHE B 103 -16.56 -6.52 -10.63
CA PHE B 103 -17.98 -6.29 -10.83
C PHE B 103 -18.75 -6.26 -9.51
N MET B 104 -18.10 -6.73 -8.44
CA MET B 104 -18.74 -6.74 -7.13
C MET B 104 -17.70 -6.66 -6.02
N SER B 105 -18.05 -5.96 -4.94
CA SER B 105 -17.14 -5.83 -3.79
C SER B 105 -17.50 -6.80 -2.67
N LEU B 106 -16.50 -7.24 -1.92
CA LEU B 106 -16.73 -8.10 -0.76
C LEU B 106 -15.56 -8.09 0.20
N GLY B 107 -15.76 -8.66 1.37
CA GLY B 107 -14.67 -8.88 2.30
C GLY B 107 -14.89 -10.16 3.05
N ILE B 108 -13.82 -10.73 3.59
CA ILE B 108 -13.96 -11.89 4.46
C ILE B 108 -14.77 -11.54 5.72
N SER B 109 -15.73 -12.38 6.05
CA SER B 109 -16.63 -12.10 7.17
C SER B 109 -16.87 -13.37 7.96
N ILE B 110 -17.57 -13.22 9.07
CA ILE B 110 -17.82 -14.34 9.96
C ILE B 110 -19.30 -14.68 9.98
N MET B 111 -19.61 -15.95 9.77
CA MET B 111 -20.98 -16.41 9.91
C MET B 111 -21.10 -17.28 11.17
N ILE B 112 -22.07 -16.93 12.02
CA ILE B 112 -22.36 -17.74 13.20
C ILE B 112 -23.81 -18.22 13.21
N LYS B 113 -24.08 -19.23 14.03
CA LYS B 113 -25.44 -19.60 14.37
C LYS B 113 -25.97 -18.53 15.33
N LYS B 114 -27.16 -18.02 15.09
CA LYS B 114 -27.73 -16.97 15.94
C LYS B 114 -27.59 -17.32 17.41
N GLY B 115 -27.07 -16.38 18.20
CA GLY B 115 -26.90 -16.59 19.62
C GLY B 115 -25.48 -16.97 20.04
N THR B 116 -24.68 -17.44 19.10
CA THR B 116 -23.28 -17.77 19.37
C THR B 116 -22.59 -16.56 19.98
N PRO B 117 -21.89 -16.77 21.10
CA PRO B 117 -21.21 -15.70 21.82
C PRO B 117 -19.91 -15.28 21.14
N ILE B 118 -19.99 -14.86 19.89
CA ILE B 118 -18.83 -14.37 19.16
C ILE B 118 -19.18 -13.05 18.48
N GLU B 119 -18.33 -12.04 18.64
CA GLU B 119 -18.61 -10.75 18.04
C GLU B 119 -17.56 -10.37 17.01
N SER B 120 -16.40 -11.01 17.05
CA SER B 120 -15.29 -10.62 16.18
C SER B 120 -14.31 -11.75 15.93
N ALA B 121 -13.36 -11.53 15.03
CA ALA B 121 -12.30 -12.50 14.78
C ALA B 121 -11.43 -12.64 16.02
N GLU B 122 -11.21 -11.51 16.70
CA GLU B 122 -10.53 -11.50 17.98
C GLU B 122 -11.19 -12.46 18.95
N ASP B 123 -12.52 -12.44 19.00
CA ASP B 123 -13.26 -13.36 19.86
C ASP B 123 -12.98 -14.82 19.52
N LEU B 124 -13.01 -15.16 18.24
CA LEU B 124 -12.69 -16.52 17.82
C LEU B 124 -11.28 -16.95 18.25
N SER B 125 -10.30 -16.08 18.07
CA SER B 125 -8.90 -16.42 18.37
C SER B 125 -8.62 -16.60 19.87
N LYS B 126 -9.33 -15.85 20.71
CA LYS B 126 -9.12 -15.90 22.15
C LYS B 126 -9.81 -17.10 22.84
N GLN B 127 -10.33 -18.05 22.07
CA GLN B 127 -11.10 -19.16 22.65
C GLN B 127 -11.00 -20.44 21.83
N THR B 128 -11.46 -21.55 22.41
CA THR B 128 -11.29 -22.88 21.81
C THR B 128 -12.59 -23.70 21.73
N GLU B 129 -13.59 -23.29 22.49
CA GLU B 129 -14.87 -24.00 22.57
C GLU B 129 -15.61 -23.97 21.24
N ILE B 130 -15.47 -22.88 20.51
CA ILE B 130 -16.09 -22.76 19.20
C ILE B 130 -15.05 -22.88 18.10
N ALA B 131 -15.23 -23.88 17.24
CA ALA B 131 -14.32 -24.15 16.14
C ALA B 131 -14.72 -23.30 14.94
N TYR B 132 -13.79 -23.10 14.03
CA TYR B 132 -14.08 -22.30 12.84
C TYR B 132 -13.16 -22.72 11.71
N GLY B 133 -13.60 -22.47 10.48
CA GLY B 133 -12.85 -22.86 9.30
C GLY B 133 -13.25 -22.09 8.08
N THR B 134 -12.72 -22.50 6.94
CA THR B 134 -12.98 -21.85 5.66
C THR B 134 -13.10 -22.88 4.55
N LEU B 135 -13.38 -22.39 3.34
CA LEU B 135 -13.43 -23.20 2.13
C LEU B 135 -12.03 -23.60 1.68
N ASP B 136 -11.93 -24.81 1.14
CA ASP B 136 -10.71 -25.30 0.54
C ASP B 136 -10.53 -24.71 -0.86
N SER B 137 -9.30 -24.45 -1.26
CA SER B 137 -9.00 -24.11 -2.65
C SER B 137 -9.54 -22.74 -3.06
N GLY B 138 -9.72 -21.85 -2.09
CA GLY B 138 -10.20 -20.52 -2.36
C GLY B 138 -9.31 -19.45 -1.76
N SER B 139 -9.70 -18.21 -1.94
CA SER B 139 -8.88 -17.06 -1.52
C SER B 139 -8.96 -16.80 -0.03
N THR B 140 -10.05 -17.20 0.61
CA THR B 140 -10.19 -16.96 2.04
C THR B 140 -9.16 -17.78 2.82
N LYS B 141 -8.99 -19.03 2.42
CA LYS B 141 -8.03 -19.89 3.08
C LYS B 141 -6.62 -19.32 2.89
N GLU B 142 -6.30 -18.93 1.65
CA GLU B 142 -5.00 -18.33 1.35
C GLU B 142 -4.78 -17.07 2.18
N PHE B 143 -5.84 -16.31 2.41
CA PHE B 143 -5.73 -15.09 3.20
C PHE B 143 -5.16 -15.36 4.59
N PHE B 144 -5.73 -16.32 5.30
CA PHE B 144 -5.25 -16.68 6.61
C PHE B 144 -3.88 -17.35 6.55
N ARG B 145 -3.64 -18.16 5.52
CA ARG B 145 -2.34 -18.80 5.33
C ARG B 145 -1.21 -17.78 5.31
N ARG B 146 -1.47 -16.65 4.66
CA ARG B 146 -0.43 -15.65 4.42
C ARG B 146 -0.44 -14.46 5.37
N SER B 147 -1.42 -14.37 6.26
CA SER B 147 -1.56 -13.19 7.10
C SER B 147 -0.48 -13.03 8.17
N LYS B 148 0.01 -11.81 8.31
CA LYS B 148 0.97 -11.47 9.34
C LYS B 148 0.27 -10.84 10.53
N ILE B 149 -0.99 -10.44 10.35
CA ILE B 149 -1.74 -9.82 11.43
C ILE B 149 -1.85 -10.83 12.57
N ALA B 150 -1.55 -10.38 13.78
CA ALA B 150 -1.49 -11.25 14.93
C ALA B 150 -2.72 -12.13 15.09
N VAL B 151 -3.90 -11.53 15.03
CA VAL B 151 -5.14 -12.26 15.22
C VAL B 151 -5.29 -13.35 14.16
N PHE B 152 -5.06 -12.98 12.91
CA PHE B 152 -5.28 -13.88 11.78
C PHE B 152 -4.26 -15.01 11.71
N ASP B 153 -3.01 -14.76 12.10
CA ASP B 153 -2.02 -15.83 12.13
C ASP B 153 -2.31 -16.82 13.27
N LYS B 154 -2.80 -16.30 14.38
CA LYS B 154 -3.23 -17.14 15.49
C LYS B 154 -4.35 -18.06 15.00
N MET B 155 -5.33 -17.47 14.33
CA MET B 155 -6.45 -18.25 13.78
C MET B 155 -5.93 -19.30 12.81
N TRP B 156 -5.01 -18.92 11.93
CA TRP B 156 -4.48 -19.85 10.95
C TRP B 156 -3.74 -21.00 11.61
N THR B 157 -2.93 -20.69 12.61
CA THR B 157 -2.18 -21.73 13.31
C THR B 157 -3.13 -22.77 13.88
N TYR B 158 -4.22 -22.30 14.48
CA TYR B 158 -5.24 -23.21 15.01
C TYR B 158 -5.93 -24.03 13.91
N MET B 159 -6.39 -23.36 12.85
CA MET B 159 -7.17 -24.01 11.80
C MET B 159 -6.42 -25.11 11.08
N ARG B 160 -5.19 -24.81 10.65
CA ARG B 160 -4.41 -25.77 9.89
C ARG B 160 -4.13 -27.04 10.68
N SER B 161 -4.23 -26.96 12.00
CA SER B 161 -3.91 -28.12 12.84
C SER B 161 -5.12 -28.75 13.50
N ALA B 162 -6.29 -28.13 13.34
CA ALA B 162 -7.49 -28.59 14.03
C ALA B 162 -7.84 -30.03 13.69
N GLU B 163 -8.58 -30.67 14.59
CA GLU B 163 -9.04 -32.04 14.42
C GLU B 163 -10.37 -32.26 15.14
N PRO B 164 -11.39 -32.71 14.41
CA PRO B 164 -11.32 -32.99 12.97
C PRO B 164 -11.15 -31.72 12.15
N SER B 165 -10.86 -31.88 10.86
CA SER B 165 -10.65 -30.77 9.95
C SER B 165 -11.76 -29.73 10.04
N VAL B 166 -11.37 -28.46 10.00
CA VAL B 166 -12.33 -27.38 10.03
C VAL B 166 -12.58 -26.80 8.64
N PHE B 167 -11.95 -27.37 7.61
CA PHE B 167 -12.16 -26.90 6.25
C PHE B 167 -13.27 -27.69 5.56
N VAL B 168 -13.89 -27.05 4.58
CA VAL B 168 -15.02 -27.63 3.88
C VAL B 168 -14.80 -27.56 2.38
N ARG B 169 -15.41 -28.49 1.66
CA ARG B 169 -15.19 -28.59 0.21
C ARG B 169 -16.05 -27.62 -0.57
N THR B 170 -17.17 -27.21 0.01
CA THR B 170 -18.09 -26.28 -0.65
C THR B 170 -18.70 -25.33 0.37
N THR B 171 -19.12 -24.17 -0.11
CA THR B 171 -19.76 -23.18 0.74
C THR B 171 -20.97 -23.80 1.45
N ALA B 172 -21.78 -24.55 0.71
CA ALA B 172 -22.95 -25.19 1.27
C ALA B 172 -22.62 -26.09 2.45
N GLU B 173 -21.48 -26.78 2.38
CA GLU B 173 -21.02 -27.63 3.48
C GLU B 173 -20.72 -26.80 4.72
N GLY B 174 -19.99 -25.70 4.54
CA GLY B 174 -19.72 -24.80 5.64
C GLY B 174 -20.99 -24.32 6.30
N VAL B 175 -21.93 -23.83 5.49
CA VAL B 175 -23.18 -23.30 6.02
C VAL B 175 -23.99 -24.38 6.75
N ALA B 176 -24.05 -25.57 6.16
CA ALA B 176 -24.74 -26.70 6.79
C ALA B 176 -24.07 -27.04 8.12
N ARG B 177 -22.76 -26.89 8.17
CA ARG B 177 -22.02 -27.17 9.40
C ARG B 177 -22.40 -26.18 10.51
N VAL B 178 -22.51 -24.91 10.17
CA VAL B 178 -22.88 -23.89 11.16
C VAL B 178 -24.27 -24.20 11.70
N ARG B 179 -25.17 -24.55 10.80
CA ARG B 179 -26.58 -24.74 11.14
C ARG B 179 -26.81 -25.98 12.00
N LYS B 180 -25.99 -27.00 11.81
CA LYS B 180 -26.16 -28.27 12.51
C LYS B 180 -25.33 -28.39 13.78
N SER B 181 -24.48 -27.41 14.06
CA SER B 181 -23.49 -27.60 15.11
C SER B 181 -23.77 -26.91 16.46
N LYS B 182 -25.02 -26.48 16.66
CA LYS B 182 -25.46 -25.98 17.96
C LYS B 182 -24.66 -24.77 18.45
N GLY B 183 -24.06 -24.06 17.52
CA GLY B 183 -23.31 -22.87 17.85
C GLY B 183 -21.84 -23.16 18.11
N LYS B 184 -21.40 -24.37 17.81
CA LYS B 184 -20.01 -24.74 18.11
C LYS B 184 -19.11 -24.67 16.87
N TYR B 185 -19.68 -24.18 15.77
CA TYR B 185 -18.89 -23.95 14.56
C TYR B 185 -19.25 -22.61 13.95
N ALA B 186 -18.22 -21.81 13.69
CA ALA B 186 -18.39 -20.58 12.94
C ALA B 186 -17.65 -20.69 11.60
N TYR B 187 -18.18 -20.04 10.58
CA TYR B 187 -17.65 -20.20 9.25
C TYR B 187 -17.11 -18.88 8.70
N LEU B 188 -15.91 -18.92 8.15
CA LEU B 188 -15.32 -17.72 7.57
C LEU B 188 -15.54 -17.74 6.08
N LEU B 189 -16.32 -16.78 5.59
CA LEU B 189 -16.65 -16.71 4.18
C LEU B 189 -16.85 -15.28 3.73
N GLU B 190 -16.99 -15.10 2.44
CA GLU B 190 -17.11 -13.77 1.88
C GLU B 190 -18.47 -13.14 2.21
N SER B 191 -18.45 -11.84 2.45
CA SER B 191 -19.59 -11.11 2.96
C SER B 191 -20.82 -11.23 2.07
N THR B 192 -20.60 -11.31 0.77
CA THR B 192 -21.66 -11.44 -0.22
C THR B 192 -22.48 -12.70 0.02
N MET B 193 -21.78 -13.82 0.21
CA MET B 193 -22.43 -15.10 0.41
C MET B 193 -23.05 -15.14 1.80
N ASN B 194 -22.35 -14.55 2.76
CA ASN B 194 -22.83 -14.47 4.13
C ASN B 194 -24.16 -13.72 4.21
N GLU B 195 -24.23 -12.55 3.58
CA GLU B 195 -25.44 -11.73 3.59
C GLU B 195 -26.61 -12.40 2.87
N TYR B 196 -26.32 -13.10 1.79
CA TYR B 196 -27.37 -13.83 1.10
C TYR B 196 -28.02 -14.87 2.00
N ILE B 197 -27.20 -15.69 2.64
CA ILE B 197 -27.67 -16.79 3.48
C ILE B 197 -28.45 -16.27 4.70
N GLU B 198 -28.04 -15.14 5.21
CA GLU B 198 -28.70 -14.47 6.33
C GLU B 198 -30.18 -14.15 6.04
N GLN B 199 -30.50 -13.88 4.78
CA GLN B 199 -31.87 -13.56 4.39
C GLN B 199 -32.64 -14.74 3.79
N ARG B 200 -32.15 -15.96 4.02
CA ARG B 200 -32.87 -17.15 3.58
C ARG B 200 -33.33 -17.98 4.78
N LYS B 201 -34.50 -18.60 4.66
CA LYS B 201 -34.93 -19.58 5.65
C LYS B 201 -33.88 -20.67 5.73
N PRO B 202 -33.67 -21.25 6.93
CA PRO B 202 -34.43 -21.08 8.17
C PRO B 202 -34.07 -19.83 8.97
N CYS B 203 -33.43 -18.85 8.36
CA CYS B 203 -33.10 -17.60 9.06
C CYS B 203 -32.47 -17.88 10.42
N ASP B 204 -31.48 -18.75 10.46
CA ASP B 204 -30.86 -19.11 11.72
C ASP B 204 -29.38 -18.74 11.77
N THR B 205 -28.89 -18.04 10.75
CA THR B 205 -27.50 -17.60 10.74
C THR B 205 -27.42 -16.09 10.77
N MET B 206 -26.21 -15.60 11.00
CA MET B 206 -25.99 -14.18 11.17
C MET B 206 -24.54 -13.84 10.89
N LYS B 207 -24.33 -12.73 10.20
CA LYS B 207 -23.00 -12.17 9.98
C LYS B 207 -22.65 -11.33 11.20
N VAL B 208 -21.51 -11.61 11.81
CA VAL B 208 -21.07 -10.82 12.95
C VAL B 208 -19.74 -10.12 12.67
N GLY B 209 -19.62 -8.89 13.15
CA GLY B 209 -18.38 -8.15 12.97
C GLY B 209 -18.34 -7.47 11.62
N GLY B 210 -17.26 -6.74 11.37
CA GLY B 210 -17.07 -6.12 10.08
C GLY B 210 -16.23 -7.04 9.23
N ASN B 211 -16.01 -6.64 7.98
CA ASN B 211 -15.19 -7.44 7.09
C ASN B 211 -13.71 -7.37 7.48
N LEU B 212 -12.99 -8.47 7.24
CA LEU B 212 -11.58 -8.57 7.62
C LEU B 212 -10.67 -7.94 6.58
N ASP B 213 -11.20 -7.72 5.38
CA ASP B 213 -10.44 -7.12 4.30
C ASP B 213 -11.40 -6.56 3.26
N SER B 214 -10.85 -5.99 2.20
CA SER B 214 -11.70 -5.42 1.16
C SER B 214 -11.14 -5.79 -0.19
N LYS B 215 -11.94 -6.47 -1.00
CA LYS B 215 -11.50 -6.83 -2.34
C LYS B 215 -12.69 -6.97 -3.28
N GLY B 216 -12.48 -7.60 -4.43
CA GLY B 216 -13.54 -7.70 -5.41
C GLY B 216 -13.52 -8.97 -6.24
N TYR B 217 -14.64 -9.27 -6.90
CA TYR B 217 -14.71 -10.35 -7.87
C TYR B 217 -14.47 -9.76 -9.24
N GLY B 218 -13.77 -10.50 -10.09
CA GLY B 218 -13.56 -10.09 -11.47
C GLY B 218 -13.85 -11.22 -12.43
N ILE B 219 -14.24 -10.86 -13.66
CA ILE B 219 -14.36 -11.83 -14.73
C ILE B 219 -12.97 -12.14 -15.24
N ALA B 220 -12.64 -13.43 -15.35
CA ALA B 220 -11.28 -13.83 -15.70
C ALA B 220 -11.16 -14.47 -17.08
N THR B 221 -10.05 -14.21 -17.75
CA THR B 221 -9.75 -14.81 -19.05
C THR B 221 -8.30 -15.26 -19.06
N PRO B 222 -7.93 -16.19 -19.96
CA PRO B 222 -6.55 -16.66 -19.99
C PRO B 222 -5.63 -15.50 -20.35
N LYS B 223 -4.42 -15.50 -19.81
CA LYS B 223 -3.50 -14.40 -20.07
C LYS B 223 -3.34 -14.18 -21.58
N GLY B 224 -3.53 -12.93 -22.00
CA GLY B 224 -3.39 -12.57 -23.40
C GLY B 224 -4.58 -12.86 -24.28
N SER B 225 -5.71 -13.26 -23.68
CA SER B 225 -6.93 -13.51 -24.46
C SER B 225 -7.39 -12.26 -25.21
N SER B 226 -8.04 -12.49 -26.35
CA SER B 226 -8.58 -11.41 -27.14
C SER B 226 -9.91 -10.93 -26.60
N LEU B 227 -10.49 -11.70 -25.68
CA LEU B 227 -11.75 -11.32 -25.05
C LEU B 227 -11.51 -10.34 -23.93
N GLY B 228 -10.29 -10.35 -23.38
CA GLY B 228 -9.95 -9.55 -22.21
C GLY B 228 -10.38 -8.09 -22.25
N ASN B 229 -9.95 -7.38 -23.30
CA ASN B 229 -10.24 -5.97 -23.45
C ASN B 229 -11.73 -5.68 -23.49
N ALA B 230 -12.44 -6.39 -24.35
CA ALA B 230 -13.87 -6.16 -24.53
C ALA B 230 -14.65 -6.45 -23.25
N VAL B 231 -14.29 -7.53 -22.57
CA VAL B 231 -14.96 -7.89 -21.33
C VAL B 231 -14.81 -6.77 -20.31
N ASN B 232 -13.59 -6.28 -20.17
CA ASN B 232 -13.31 -5.22 -19.20
C ASN B 232 -14.18 -3.98 -19.45
N LEU B 233 -14.22 -3.52 -20.69
CA LEU B 233 -15.01 -2.37 -21.06
C LEU B 233 -16.50 -2.61 -20.84
N ALA B 234 -16.95 -3.82 -21.14
CA ALA B 234 -18.34 -4.17 -20.89
C ALA B 234 -18.67 -4.09 -19.40
N VAL B 235 -17.78 -4.57 -18.55
CA VAL B 235 -18.03 -4.49 -17.11
C VAL B 235 -18.16 -3.04 -16.66
N LEU B 236 -17.25 -2.18 -17.13
CA LEU B 236 -17.31 -0.76 -16.79
C LEU B 236 -18.63 -0.15 -17.28
N LYS B 237 -19.03 -0.49 -18.50
CA LYS B 237 -20.28 0.02 -19.05
C LYS B 237 -21.49 -0.40 -18.19
N LEU B 238 -21.58 -1.69 -17.89
CA LEU B 238 -22.68 -2.21 -17.09
C LEU B 238 -22.77 -1.55 -15.71
N SER B 239 -21.61 -1.26 -15.13
CA SER B 239 -21.52 -0.60 -13.83
C SER B 239 -22.05 0.83 -13.89
N GLU B 240 -21.66 1.55 -14.94
CA GLU B 240 -22.05 2.95 -15.10
C GLU B 240 -23.52 3.14 -15.48
N GLN B 241 -24.10 2.11 -16.10
CA GLN B 241 -25.53 2.13 -16.43
C GLN B 241 -26.39 1.72 -15.22
N GLY B 242 -25.75 1.24 -14.17
CA GLY B 242 -26.46 0.82 -12.97
C GLY B 242 -26.98 -0.61 -13.02
N LEU B 243 -26.68 -1.32 -14.10
CA LEU B 243 -27.11 -2.72 -14.24
C LEU B 243 -26.57 -3.64 -13.13
N LEU B 244 -25.31 -3.45 -12.73
CA LEU B 244 -24.73 -4.27 -11.67
C LEU B 244 -25.48 -4.08 -10.36
N ASP B 245 -25.82 -2.84 -10.03
CA ASP B 245 -26.57 -2.56 -8.82
C ASP B 245 -27.96 -3.20 -8.89
N LYS B 246 -28.56 -3.09 -10.08
CA LYS B 246 -29.86 -3.70 -10.36
C LYS B 246 -29.82 -5.21 -10.12
N LEU B 247 -28.87 -5.89 -10.76
CA LEU B 247 -28.69 -7.33 -10.56
C LEU B 247 -28.52 -7.68 -9.09
N LYS B 248 -27.75 -6.89 -8.36
CA LYS B 248 -27.50 -7.18 -6.95
C LYS B 248 -28.81 -7.12 -6.15
N ASN B 249 -29.61 -6.09 -6.38
CA ASN B 249 -30.90 -5.97 -5.68
C ASN B 249 -31.82 -7.13 -6.03
N LYS B 250 -31.78 -7.56 -7.28
CA LYS B 250 -32.65 -8.62 -7.75
C LYS B 250 -32.35 -9.93 -7.03
N TRP B 251 -31.08 -10.22 -6.81
CA TRP B 251 -30.68 -11.53 -6.34
C TRP B 251 -30.41 -11.62 -4.84
N TRP B 252 -30.24 -10.47 -4.19
CA TRP B 252 -29.99 -10.49 -2.76
C TRP B 252 -31.22 -10.09 -1.95
N TYR B 253 -31.77 -8.92 -2.26
CA TYR B 253 -32.70 -8.31 -1.35
C TYR B 253 -34.16 -8.40 -1.79
N ASP B 254 -34.39 -8.44 -3.10
CA ASP B 254 -35.72 -8.76 -3.62
C ASP B 254 -36.03 -10.20 -3.23
N LYS B 255 -34.98 -10.99 -3.00
CA LYS B 255 -35.13 -12.41 -2.67
C LYS B 255 -35.08 -12.69 -1.17
N GLY B 256 -35.20 -11.65 -0.35
CA GLY B 256 -35.19 -11.82 1.09
C GLY B 256 -36.37 -12.67 1.57
N GLU B 257 -36.14 -13.48 2.61
CA GLU B 257 -37.18 -14.36 3.13
C GLU B 257 -37.38 -14.17 4.63
N CYS B 258 -36.52 -13.36 5.24
CA CYS B 258 -36.50 -13.22 6.69
C CYS B 258 -37.01 -11.85 7.14
N LYS C 1 50.29 14.74 -5.56
CA LYS C 1 48.88 14.66 -5.94
C LYS C 1 47.95 14.77 -4.73
N THR C 2 46.94 15.60 -4.85
CA THR C 2 45.93 15.73 -3.81
C THR C 2 45.07 14.47 -3.70
N VAL C 3 44.97 13.94 -2.48
CA VAL C 3 44.23 12.71 -2.26
C VAL C 3 42.75 13.00 -2.15
N VAL C 4 41.94 12.30 -2.93
CA VAL C 4 40.50 12.54 -2.88
C VAL C 4 39.91 11.67 -1.78
N VAL C 5 39.39 12.32 -0.75
CA VAL C 5 38.79 11.60 0.37
C VAL C 5 37.27 11.53 0.21
N THR C 6 36.70 10.33 0.27
CA THR C 6 35.26 10.21 0.27
C THR C 6 34.75 10.02 1.70
N THR C 7 33.68 10.73 2.05
CA THR C 7 33.12 10.64 3.38
C THR C 7 31.62 10.93 3.32
N ILE C 8 30.95 10.94 4.46
CA ILE C 8 29.50 11.03 4.44
C ILE C 8 28.97 11.97 5.52
N LEU C 9 27.92 12.73 5.20
CA LEU C 9 27.31 13.62 6.17
C LEU C 9 26.58 12.82 7.23
N GLU C 10 27.21 12.70 8.38
CA GLU C 10 26.68 11.86 9.46
C GLU C 10 27.24 12.47 10.73
N SER C 11 26.37 12.90 11.63
CA SER C 11 26.84 13.52 12.88
C SER C 11 27.23 12.46 13.91
N PRO C 12 28.27 12.73 14.71
CA PRO C 12 29.15 13.90 14.71
C PRO C 12 30.42 13.65 13.89
N TYR C 13 30.37 12.77 12.89
CA TYR C 13 31.57 12.44 12.11
C TYR C 13 31.96 13.51 11.08
N VAL C 14 31.03 13.88 10.22
CA VAL C 14 31.24 14.98 9.26
C VAL C 14 29.99 15.84 9.22
N MET C 15 30.16 17.14 9.48
CA MET C 15 29.03 18.06 9.57
C MET C 15 29.38 19.39 8.92
N MET C 16 28.40 19.97 8.25
CA MET C 16 28.54 21.30 7.68
C MET C 16 28.58 22.33 8.79
N LYS C 17 29.64 23.12 8.83
CA LYS C 17 29.71 24.21 9.79
C LYS C 17 28.63 25.25 9.46
N LYS C 18 28.02 25.79 10.51
CA LYS C 18 26.98 26.79 10.38
C LYS C 18 27.35 27.91 9.40
N ASN C 19 26.52 28.09 8.37
CA ASN C 19 26.69 29.15 7.38
C ASN C 19 27.97 29.09 6.57
N HIS C 20 28.47 27.89 6.34
CA HIS C 20 29.72 27.72 5.59
C HIS C 20 29.48 27.18 4.18
N GLU C 21 28.20 27.05 3.81
CA GLU C 21 27.84 26.44 2.54
C GLU C 21 28.41 27.17 1.33
N MET C 22 28.97 28.35 1.53
CA MET C 22 29.61 29.08 0.44
C MET C 22 31.13 29.01 0.48
N LEU C 23 31.68 28.65 1.63
CA LEU C 23 33.13 28.67 1.83
C LEU C 23 33.88 27.69 0.91
N GLU C 24 35.20 27.65 1.08
CA GLU C 24 36.08 26.91 0.17
C GLU C 24 36.68 25.65 0.79
N GLY C 25 36.48 24.51 0.14
CA GLY C 25 37.21 23.31 0.51
C GLY C 25 36.97 22.75 1.90
N ASN C 26 38.03 22.25 2.54
CA ASN C 26 37.90 21.44 3.75
C ASN C 26 37.37 22.17 4.98
N GLU C 27 37.67 23.47 5.05
CA GLU C 27 37.28 24.28 6.20
C GLU C 27 35.78 24.22 6.47
N ARG C 28 34.99 23.93 5.43
CA ARG C 28 33.55 23.86 5.55
C ARG C 28 33.08 22.88 6.62
N TYR C 29 33.84 21.80 6.81
CA TYR C 29 33.35 20.67 7.60
C TYR C 29 33.99 20.59 8.97
N GLU C 30 33.26 19.99 9.91
CA GLU C 30 33.79 19.69 11.22
C GLU C 30 33.31 18.31 11.65
N GLY C 31 34.02 17.72 12.60
CA GLY C 31 33.59 16.45 13.16
C GLY C 31 34.73 15.50 13.46
N TYR C 32 34.40 14.34 14.02
CA TYR C 32 35.39 13.35 14.36
C TYR C 32 36.24 12.92 13.16
N CYS C 33 35.58 12.66 12.04
CA CYS C 33 36.29 12.19 10.86
C CYS C 33 37.03 13.32 10.13
N VAL C 34 36.56 14.54 10.29
CA VAL C 34 37.28 15.70 9.77
C VAL C 34 38.60 15.84 10.52
N ASP C 35 38.53 15.71 11.84
CA ASP C 35 39.74 15.73 12.67
C ASP C 35 40.63 14.52 12.40
N LEU C 36 40.03 13.37 12.19
CA LEU C 36 40.82 12.17 11.93
C LEU C 36 41.54 12.31 10.60
N ALA C 37 40.86 12.82 9.59
CA ALA C 37 41.48 12.95 8.28
C ALA C 37 42.67 13.88 8.38
N ALA C 38 42.51 14.97 9.12
CA ALA C 38 43.62 15.88 9.36
C ALA C 38 44.85 15.19 9.96
N GLU C 39 44.67 14.41 11.02
CA GLU C 39 45.77 13.70 11.64
C GLU C 39 46.40 12.67 10.70
N ILE C 40 45.56 11.89 10.03
CA ILE C 40 46.00 10.85 9.11
C ILE C 40 46.88 11.46 8.01
N ALA C 41 46.41 12.55 7.41
CA ALA C 41 47.14 13.20 6.33
C ALA C 41 48.48 13.75 6.82
N LYS C 42 48.49 14.29 7.93
CA LYS C 42 49.67 14.76 8.64
C LYS C 42 50.67 13.63 8.85
N HIS C 43 50.27 12.59 9.43
CA HIS C 43 51.20 11.50 9.70
C HIS C 43 51.71 10.79 8.43
N CYS C 44 50.88 10.70 7.40
CA CYS C 44 51.30 10.06 6.14
C CYS C 44 51.91 11.04 5.15
N GLY C 45 51.70 12.33 5.38
CA GLY C 45 52.30 13.36 4.57
C GLY C 45 51.65 13.56 3.21
N PHE C 46 50.32 13.67 3.19
CA PHE C 46 49.63 13.97 1.93
C PHE C 46 48.64 15.13 2.06
N LYS C 47 48.39 15.79 0.94
CA LYS C 47 47.35 16.81 0.86
C LYS C 47 46.08 16.12 0.44
N TYR C 48 44.93 16.67 0.84
CA TYR C 48 43.67 15.98 0.58
C TYR C 48 42.51 16.93 0.40
N LYS C 49 41.49 16.46 -0.31
CA LYS C 49 40.24 17.19 -0.45
C LYS C 49 39.08 16.31 0.05
N LEU C 50 38.36 16.81 1.04
CA LEU C 50 37.17 16.11 1.52
C LEU C 50 36.03 16.24 0.51
N THR C 51 35.44 15.12 0.12
CA THR C 51 34.26 15.13 -0.73
C THR C 51 33.17 14.25 -0.11
N ILE C 52 31.92 14.68 -0.25
CA ILE C 52 30.78 13.92 0.27
C ILE C 52 30.33 12.94 -0.80
N VAL C 53 30.15 11.68 -0.42
CA VAL C 53 29.76 10.64 -1.36
C VAL C 53 28.48 11.03 -2.10
N GLY C 54 28.49 10.90 -3.42
CA GLY C 54 27.41 11.38 -4.27
C GLY C 54 26.02 10.81 -3.99
N ASP C 55 25.94 9.51 -3.71
CA ASP C 55 24.63 8.92 -3.47
C ASP C 55 24.25 8.87 -1.97
N GLY C 56 25.07 9.44 -1.11
CA GLY C 56 24.80 9.48 0.31
C GLY C 56 24.70 8.13 1.03
N LYS C 57 25.27 7.09 0.44
CA LYS C 57 25.20 5.74 1.03
C LYS C 57 26.56 5.23 1.52
N TYR C 58 26.52 4.23 2.38
CA TYR C 58 27.76 3.65 2.90
C TYR C 58 28.34 2.71 1.86
N GLY C 59 27.55 1.73 1.41
CA GLY C 59 28.03 0.82 0.39
C GLY C 59 27.51 -0.60 0.47
N ALA C 60 26.74 -0.98 -0.53
CA ALA C 60 26.28 -2.35 -0.69
C ALA C 60 26.36 -2.71 -2.16
N ARG C 61 26.37 -4.01 -2.43
CA ARG C 61 26.38 -4.52 -3.79
C ARG C 61 24.97 -4.90 -4.21
N ASP C 62 24.46 -4.31 -5.29
CA ASP C 62 23.14 -4.65 -5.82
C ASP C 62 23.07 -6.14 -6.19
N ALA C 63 22.08 -6.83 -5.63
CA ALA C 63 21.93 -8.27 -5.88
C ALA C 63 21.82 -8.61 -7.36
N ASP C 64 21.08 -7.80 -8.10
CA ASP C 64 20.90 -8.01 -9.53
C ASP C 64 22.11 -7.54 -10.33
N THR C 65 22.38 -6.24 -10.26
CA THR C 65 23.42 -5.63 -11.09
C THR C 65 24.85 -5.93 -10.61
N LYS C 66 25.00 -6.30 -9.34
CA LYS C 66 26.32 -6.62 -8.78
C LYS C 66 27.19 -5.38 -8.66
N ILE C 67 26.58 -4.21 -8.74
CA ILE C 67 27.30 -2.95 -8.71
C ILE C 67 27.31 -2.37 -7.30
N TRP C 68 28.50 -1.97 -6.86
CA TRP C 68 28.67 -1.38 -5.53
C TRP C 68 28.25 0.08 -5.54
N ASN C 69 27.43 0.46 -4.57
CA ASN C 69 27.08 1.87 -4.41
C ASN C 69 27.82 2.49 -3.22
N GLY C 70 27.51 3.75 -2.92
CA GLY C 70 28.03 4.42 -1.75
C GLY C 70 29.53 4.65 -1.76
N MET C 71 30.10 4.85 -0.57
CA MET C 71 31.53 5.12 -0.48
C MET C 71 32.33 3.92 -0.98
N VAL C 72 31.82 2.71 -0.75
CA VAL C 72 32.55 1.54 -1.21
C VAL C 72 32.68 1.58 -2.72
N GLY C 73 31.59 1.89 -3.41
CA GLY C 73 31.61 2.04 -4.85
C GLY C 73 32.59 3.08 -5.35
N GLU C 74 32.61 4.24 -4.70
CA GLU C 74 33.58 5.28 -5.04
C GLU C 74 34.99 4.72 -5.02
N LEU C 75 35.30 3.86 -4.06
CA LEU C 75 36.63 3.27 -3.98
C LEU C 75 36.84 2.23 -5.08
N VAL C 76 35.88 1.32 -5.22
CA VAL C 76 35.95 0.25 -6.19
C VAL C 76 36.10 0.75 -7.63
N TYR C 77 35.30 1.77 -7.99
CA TYR C 77 35.30 2.28 -9.37
C TYR C 77 36.27 3.43 -9.64
N GLY C 78 37.15 3.71 -8.69
CA GLY C 78 38.21 4.68 -8.91
C GLY C 78 37.83 6.14 -8.76
N LYS C 79 36.73 6.42 -8.07
CA LYS C 79 36.31 7.80 -7.90
C LYS C 79 37.00 8.49 -6.73
N ALA C 80 37.48 7.70 -5.78
CA ALA C 80 38.14 8.27 -4.60
C ALA C 80 39.36 7.44 -4.21
N ASP C 81 40.26 8.06 -3.47
CA ASP C 81 41.51 7.41 -3.10
C ASP C 81 41.41 6.75 -1.72
N ILE C 82 40.53 7.27 -0.88
CA ILE C 82 40.44 6.81 0.50
C ILE C 82 39.07 7.19 1.06
N ALA C 83 38.58 6.39 2.00
CA ALA C 83 37.32 6.71 2.65
C ALA C 83 37.58 6.92 4.13
N ILE C 84 37.21 8.08 4.65
CA ILE C 84 37.39 8.35 6.06
C ILE C 84 36.03 8.69 6.63
N ALA C 85 35.44 7.72 7.30
CA ALA C 85 34.03 7.78 7.65
C ALA C 85 33.72 6.65 8.62
N PRO C 86 32.53 6.68 9.23
CA PRO C 86 32.11 5.57 10.08
C PRO C 86 31.70 4.36 9.23
N LEU C 87 32.69 3.74 8.61
CA LEU C 87 32.49 2.68 7.63
C LEU C 87 32.87 1.34 8.25
N THR C 88 31.88 0.47 8.40
CA THR C 88 32.09 -0.77 9.12
C THR C 88 32.91 -1.78 8.35
N ILE C 89 33.89 -2.35 9.03
CA ILE C 89 34.68 -3.45 8.49
C ILE C 89 33.79 -4.68 8.41
N THR C 90 33.55 -5.18 7.20
CA THR C 90 32.81 -6.42 6.99
C THR C 90 33.54 -7.34 6.00
N LEU C 91 33.27 -8.63 6.09
CA LEU C 91 33.88 -9.62 5.20
C LEU C 91 33.63 -9.31 3.73
N VAL C 92 32.37 -9.08 3.35
CA VAL C 92 32.06 -8.81 1.94
C VAL C 92 32.77 -7.56 1.42
N ARG C 93 32.93 -6.55 2.27
CA ARG C 93 33.70 -5.38 1.87
C ARG C 93 35.20 -5.65 1.78
N GLU C 94 35.75 -6.37 2.77
CA GLU C 94 37.18 -6.66 2.80
C GLU C 94 37.62 -7.48 1.60
N GLU C 95 36.65 -8.09 0.91
CA GLU C 95 36.93 -8.84 -0.31
C GLU C 95 37.17 -7.92 -1.52
N VAL C 96 36.72 -6.68 -1.47
CA VAL C 96 36.87 -5.79 -2.63
C VAL C 96 37.64 -4.50 -2.34
N ILE C 97 37.77 -4.16 -1.07
CA ILE C 97 38.57 -3.02 -0.66
C ILE C 97 39.43 -3.39 0.54
N ASP C 98 40.38 -2.54 0.89
CA ASP C 98 41.23 -2.73 2.07
C ASP C 98 40.79 -1.84 3.23
N PHE C 99 40.85 -2.38 4.44
CA PHE C 99 40.58 -1.61 5.65
C PHE C 99 41.80 -1.54 6.55
N SER C 100 41.98 -0.40 7.22
CA SER C 100 42.96 -0.28 8.28
C SER C 100 42.45 -1.05 9.50
N LYS C 101 43.31 -1.26 10.50
CA LYS C 101 42.86 -1.65 11.82
C LYS C 101 41.77 -0.66 12.24
N PRO C 102 40.81 -1.11 13.06
CA PRO C 102 39.66 -0.25 13.37
C PRO C 102 40.10 0.92 14.21
N PHE C 103 39.49 2.08 13.98
CA PHE C 103 39.81 3.25 14.79
C PHE C 103 38.74 3.52 15.82
N MET C 104 37.65 2.76 15.77
CA MET C 104 36.57 2.96 16.73
C MET C 104 35.77 1.67 16.82
N SER C 105 35.36 1.29 18.02
CA SER C 105 34.56 0.08 18.21
C SER C 105 33.10 0.44 18.28
N LEU C 106 32.25 -0.49 17.84
CA LEU C 106 30.80 -0.33 17.94
C LEU C 106 30.11 -1.68 17.80
N GLY C 107 28.81 -1.66 18.05
CA GLY C 107 27.96 -2.82 17.85
C GLY C 107 26.58 -2.32 17.47
N ILE C 108 25.81 -3.17 16.79
CA ILE C 108 24.41 -2.87 16.53
C ILE C 108 23.66 -2.72 17.85
N SER C 109 22.79 -1.74 17.93
CA SER C 109 22.03 -1.48 19.16
C SER C 109 20.63 -1.00 18.83
N ILE C 110 19.82 -0.87 19.87
CA ILE C 110 18.41 -0.51 19.75
C ILE C 110 18.14 0.89 20.29
N MET C 111 17.53 1.74 19.45
CA MET C 111 17.10 3.07 19.86
C MET C 111 15.59 3.09 20.02
N ILE C 112 15.12 3.52 21.17
CA ILE C 112 13.69 3.69 21.39
C ILE C 112 13.37 5.11 21.83
N LYS C 113 12.10 5.49 21.70
CA LYS C 113 11.57 6.69 22.32
C LYS C 113 11.45 6.38 23.81
N LYS C 114 11.87 7.29 24.68
CA LYS C 114 11.79 7.01 26.12
C LYS C 114 10.40 6.54 26.51
N GLY C 115 10.33 5.52 27.36
CA GLY C 115 9.05 4.98 27.78
C GLY C 115 8.55 3.79 26.96
N THR C 116 9.15 3.56 25.80
CA THR C 116 8.80 2.39 25.00
C THR C 116 9.08 1.08 25.76
N PRO C 117 8.08 0.18 25.82
CA PRO C 117 8.19 -1.08 26.58
C PRO C 117 9.04 -2.15 25.87
N ILE C 118 10.31 -1.85 25.64
CA ILE C 118 11.21 -2.77 24.97
C ILE C 118 12.54 -2.70 25.70
N GLU C 119 13.14 -3.86 25.96
CA GLU C 119 14.41 -3.93 26.66
C GLU C 119 15.51 -4.64 25.88
N SER C 120 15.15 -5.35 24.82
CA SER C 120 16.13 -6.19 24.12
C SER C 120 15.68 -6.56 22.73
N ALA C 121 16.58 -7.17 21.96
CA ALA C 121 16.24 -7.67 20.64
C ALA C 121 15.16 -8.75 20.79
N GLU C 122 15.31 -9.58 21.82
CA GLU C 122 14.33 -10.63 22.09
C GLU C 122 12.92 -10.05 22.22
N ASP C 123 12.80 -8.99 23.02
CA ASP C 123 11.53 -8.31 23.22
C ASP C 123 10.94 -7.90 21.88
N LEU C 124 11.73 -7.19 21.07
CA LEU C 124 11.25 -6.77 19.75
C LEU C 124 10.68 -7.96 18.96
N SER C 125 11.44 -9.05 18.91
CA SER C 125 11.07 -10.20 18.10
C SER C 125 9.82 -10.96 18.57
N LYS C 126 9.40 -10.74 19.80
CA LYS C 126 8.28 -11.49 20.36
C LYS C 126 7.00 -10.67 20.37
N GLN C 127 6.98 -9.60 19.58
CA GLN C 127 5.81 -8.72 19.55
C GLN C 127 5.65 -8.07 18.18
N THR C 128 4.50 -7.45 17.95
CA THR C 128 4.18 -6.90 16.63
C THR C 128 3.67 -5.47 16.70
N GLU C 129 3.35 -5.00 17.88
CA GLU C 129 2.80 -3.65 18.02
C GLU C 129 3.82 -2.58 17.68
N ILE C 130 5.08 -2.82 18.04
CA ILE C 130 6.16 -1.88 17.76
C ILE C 130 6.95 -2.35 16.55
N ALA C 131 6.98 -1.52 15.53
CA ALA C 131 7.75 -1.81 14.33
C ALA C 131 9.19 -1.48 14.59
N TYR C 132 10.08 -2.03 13.77
CA TYR C 132 11.50 -1.72 13.87
C TYR C 132 12.18 -2.00 12.54
N GLY C 133 13.26 -1.29 12.27
CA GLY C 133 13.97 -1.41 11.00
C GLY C 133 15.37 -0.84 11.08
N THR C 134 16.04 -0.76 9.94
CA THR C 134 17.43 -0.32 9.90
C THR C 134 17.68 0.59 8.71
N LEU C 135 18.92 1.04 8.59
CA LEU C 135 19.37 1.85 7.45
C LEU C 135 19.47 0.99 6.21
N ASP C 136 19.16 1.55 5.05
CA ASP C 136 19.34 0.87 3.75
C ASP C 136 20.81 0.94 3.31
N SER C 137 21.28 -0.11 2.63
CA SER C 137 22.61 -0.10 2.00
C SER C 137 23.76 0.01 3.00
N GLY C 138 23.59 -0.60 4.17
CA GLY C 138 24.58 -0.52 5.21
C GLY C 138 24.82 -1.87 5.82
N SER C 139 25.77 -1.95 6.74
CA SER C 139 26.15 -3.23 7.35
C SER C 139 25.10 -3.79 8.31
N THR C 140 24.31 -2.93 8.93
CA THR C 140 23.32 -3.43 9.88
C THR C 140 22.24 -4.24 9.16
N LYS C 141 21.78 -3.73 8.04
CA LYS C 141 20.78 -4.46 7.27
C LYS C 141 21.31 -5.83 6.86
N GLU C 142 22.55 -5.86 6.38
CA GLU C 142 23.20 -7.11 5.97
C GLU C 142 23.34 -8.07 7.16
N PHE C 143 23.66 -7.52 8.33
CA PHE C 143 23.77 -8.34 9.54
C PHE C 143 22.50 -9.16 9.75
N PHE C 144 21.35 -8.50 9.64
CA PHE C 144 20.09 -9.21 9.83
C PHE C 144 19.78 -10.16 8.65
N ARG C 145 20.12 -9.74 7.44
CA ARG C 145 19.87 -10.57 6.26
C ARG C 145 20.61 -11.91 6.34
N ARG C 146 21.77 -11.91 7.01
CA ARG C 146 22.68 -13.05 7.02
C ARG C 146 22.67 -13.86 8.32
N SER C 147 22.11 -13.31 9.39
CA SER C 147 22.21 -13.97 10.68
C SER C 147 21.48 -15.30 10.70
N LYS C 148 22.09 -16.27 11.35
CA LYS C 148 21.49 -17.57 11.59
C LYS C 148 21.10 -17.68 13.04
N ILE C 149 21.29 -16.61 13.81
CA ILE C 149 20.91 -16.63 15.21
C ILE C 149 19.39 -16.51 15.25
N ALA C 150 18.75 -17.35 16.07
CA ALA C 150 17.30 -17.46 16.06
C ALA C 150 16.58 -16.12 16.16
N VAL C 151 16.94 -15.31 17.17
CA VAL C 151 16.25 -14.03 17.38
C VAL C 151 16.41 -13.07 16.21
N PHE C 152 17.61 -13.00 15.65
CA PHE C 152 17.89 -12.07 14.57
C PHE C 152 17.30 -12.50 13.23
N ASP C 153 17.28 -13.80 12.98
CA ASP C 153 16.63 -14.31 11.77
C ASP C 153 15.13 -14.06 11.83
N LYS C 154 14.53 -14.21 13.00
CA LYS C 154 13.12 -13.94 13.16
C LYS C 154 12.86 -12.46 12.88
N MET C 155 13.72 -11.60 13.39
CA MET C 155 13.57 -10.16 13.19
C MET C 155 13.67 -9.84 11.70
N TRP C 156 14.57 -10.52 11.00
CA TRP C 156 14.74 -10.28 9.58
C TRP C 156 13.52 -10.72 8.81
N THR C 157 12.96 -11.86 9.19
CA THR C 157 11.77 -12.35 8.51
C THR C 157 10.65 -11.32 8.61
N TYR C 158 10.55 -10.67 9.77
CA TYR C 158 9.55 -9.62 9.90
C TYR C 158 9.91 -8.37 9.08
N MET C 159 11.12 -7.86 9.30
CA MET C 159 11.54 -6.62 8.65
C MET C 159 11.49 -6.68 7.12
N ARG C 160 11.90 -7.81 6.54
CA ARG C 160 11.99 -7.91 5.08
C ARG C 160 10.66 -7.75 4.37
N SER C 161 9.56 -8.06 5.07
CA SER C 161 8.23 -8.10 4.46
C SER C 161 7.25 -7.10 5.06
N ALA C 162 7.70 -6.29 6.01
CA ALA C 162 6.82 -5.35 6.69
C ALA C 162 6.38 -4.22 5.77
N GLU C 163 5.15 -3.72 5.98
CA GLU C 163 4.62 -2.59 5.23
C GLU C 163 3.95 -1.62 6.20
N PRO C 164 4.19 -0.31 6.03
CA PRO C 164 5.13 0.22 5.04
C PRO C 164 6.56 -0.18 5.37
N SER C 165 7.49 0.06 4.45
CA SER C 165 8.87 -0.35 4.65
C SER C 165 9.41 0.18 5.98
N VAL C 166 10.10 -0.69 6.73
CA VAL C 166 10.71 -0.29 7.99
C VAL C 166 12.10 0.29 7.81
N PHE C 167 12.61 0.27 6.59
CA PHE C 167 13.95 0.75 6.32
C PHE C 167 13.95 2.24 5.97
N VAL C 168 15.06 2.92 6.28
CA VAL C 168 15.15 4.35 6.05
C VAL C 168 16.39 4.62 5.23
N ARG C 169 16.45 5.79 4.61
CA ARG C 169 17.55 6.08 3.69
C ARG C 169 18.74 6.74 4.40
N THR C 170 18.49 7.40 5.52
CA THR C 170 19.55 8.01 6.29
C THR C 170 19.30 7.83 7.78
N THR C 171 20.37 7.93 8.56
CA THR C 171 20.29 7.84 10.01
C THR C 171 19.30 8.85 10.56
N ALA C 172 19.39 10.08 10.10
CA ALA C 172 18.49 11.14 10.55
C ALA C 172 17.01 10.77 10.35
N GLU C 173 16.72 10.13 9.22
CA GLU C 173 15.37 9.70 8.92
C GLU C 173 14.88 8.61 9.91
N GLY C 174 15.79 7.71 10.29
CA GLY C 174 15.47 6.70 11.29
C GLY C 174 15.17 7.33 12.63
N VAL C 175 16.01 8.28 13.03
CA VAL C 175 15.84 8.96 14.31
C VAL C 175 14.53 9.73 14.34
N ALA C 176 14.26 10.46 13.26
CA ALA C 176 13.04 11.26 13.19
C ALA C 176 11.84 10.33 13.29
N ARG C 177 11.97 9.14 12.70
CA ARG C 177 10.88 8.18 12.75
C ARG C 177 10.61 7.70 14.18
N VAL C 178 11.67 7.43 14.94
CA VAL C 178 11.49 7.06 16.34
C VAL C 178 10.79 8.19 17.10
N ARG C 179 11.30 9.41 16.94
CA ARG C 179 10.77 10.55 17.68
C ARG C 179 9.32 10.87 17.38
N LYS C 180 8.88 10.61 16.16
CA LYS C 180 7.52 10.96 15.73
C LYS C 180 6.48 9.85 15.92
N SER C 181 6.92 8.64 16.25
CA SER C 181 6.01 7.51 16.21
C SER C 181 5.41 7.16 17.56
N LYS C 182 5.62 8.01 18.57
CA LYS C 182 5.00 7.78 19.87
C LYS C 182 5.29 6.39 20.43
N GLY C 183 6.50 5.88 20.20
CA GLY C 183 6.89 4.61 20.78
C GLY C 183 6.59 3.41 19.91
N LYS C 184 6.01 3.66 18.74
CA LYS C 184 5.60 2.57 17.86
C LYS C 184 6.66 2.13 16.85
N TYR C 185 7.77 2.86 16.82
CA TYR C 185 8.89 2.48 15.95
C TYR C 185 10.20 2.52 16.75
N ALA C 186 10.98 1.46 16.64
CA ALA C 186 12.31 1.40 17.24
C ALA C 186 13.33 1.26 16.11
N TYR C 187 14.51 1.86 16.27
CA TYR C 187 15.49 1.90 15.19
C TYR C 187 16.74 1.11 15.56
N LEU C 188 17.21 0.27 14.64
CA LEU C 188 18.40 -0.53 14.89
C LEU C 188 19.57 0.14 14.19
N LEU C 189 20.54 0.57 14.97
CA LEU C 189 21.65 1.32 14.43
C LEU C 189 22.86 1.13 15.31
N GLU C 190 24.01 1.58 14.83
CA GLU C 190 25.25 1.37 15.55
C GLU C 190 25.31 2.19 16.83
N SER C 191 25.96 1.62 17.84
CA SER C 191 25.92 2.16 19.19
C SER C 191 26.58 3.53 19.29
N THR C 192 27.55 3.80 18.42
CA THR C 192 28.20 5.10 18.35
C THR C 192 27.18 6.18 17.99
N MET C 193 26.36 5.93 16.99
CA MET C 193 25.34 6.92 16.59
C MET C 193 24.25 7.02 17.64
N ASN C 194 23.86 5.86 18.17
CA ASN C 194 22.84 5.79 19.20
C ASN C 194 23.23 6.62 20.42
N GLU C 195 24.44 6.41 20.91
CA GLU C 195 24.93 7.13 22.09
C GLU C 195 25.11 8.62 21.83
N TYR C 196 25.47 8.99 20.61
CA TYR C 196 25.55 10.40 20.27
C TYR C 196 24.18 11.09 20.36
N ILE C 197 23.17 10.48 19.74
CA ILE C 197 21.83 11.04 19.65
C ILE C 197 21.19 11.13 21.04
N GLU C 198 21.49 10.15 21.86
CA GLU C 198 20.98 10.10 23.23
C GLU C 198 21.39 11.35 24.02
N GLN C 199 22.48 11.99 23.62
CA GLN C 199 23.00 13.15 24.34
C GLN C 199 22.64 14.47 23.66
N ARG C 200 21.72 14.42 22.71
CA ARG C 200 21.31 15.64 22.01
C ARG C 200 19.84 15.93 22.24
N LYS C 201 19.53 17.20 22.50
CA LYS C 201 18.15 17.65 22.53
C LYS C 201 17.45 17.17 21.27
N PRO C 202 16.16 16.84 21.39
CA PRO C 202 15.31 17.02 22.58
C PRO C 202 15.44 15.97 23.67
N CYS C 203 16.49 15.14 23.66
CA CYS C 203 16.70 14.17 24.74
C CYS C 203 15.52 13.23 24.96
N ASP C 204 14.93 12.75 23.88
CA ASP C 204 13.75 11.91 23.99
C ASP C 204 13.97 10.49 23.51
N THR C 205 15.22 10.14 23.20
CA THR C 205 15.54 8.78 22.80
C THR C 205 16.53 8.14 23.75
N MET C 206 16.70 6.84 23.58
CA MET C 206 17.43 6.06 24.55
C MET C 206 17.96 4.77 23.92
N LYS C 207 19.19 4.40 24.29
CA LYS C 207 19.75 3.12 23.92
C LYS C 207 19.31 2.09 24.94
N VAL C 208 18.73 0.98 24.51
CA VAL C 208 18.36 -0.08 25.44
C VAL C 208 19.00 -1.41 25.06
N GLY C 209 19.30 -2.21 26.07
CA GLY C 209 19.88 -3.52 25.87
C GLY C 209 21.37 -3.49 25.63
N GLY C 210 21.95 -4.67 25.44
CA GLY C 210 23.36 -4.75 25.09
C GLY C 210 23.46 -4.65 23.59
N ASN C 211 24.67 -4.49 23.08
CA ASN C 211 24.90 -4.51 21.64
C ASN C 211 24.69 -5.93 21.10
N LEU C 212 24.24 -6.01 19.86
CA LEU C 212 23.94 -7.28 19.21
C LEU C 212 25.19 -7.98 18.66
N ASP C 213 26.24 -7.20 18.42
CA ASP C 213 27.49 -7.75 17.91
C ASP C 213 28.61 -6.81 18.27
N SER C 214 29.83 -7.14 17.86
CA SER C 214 30.96 -6.27 18.14
C SER C 214 31.81 -6.14 16.89
N LYS C 215 32.11 -4.91 16.51
CA LYS C 215 32.93 -4.70 15.33
C LYS C 215 33.55 -3.33 15.38
N GLY C 216 34.04 -2.85 14.25
CA GLY C 216 34.72 -1.57 14.25
C GLY C 216 34.63 -0.87 12.91
N TYR C 217 34.91 0.44 12.93
CA TYR C 217 35.08 1.23 11.70
C TYR C 217 36.53 1.21 11.30
N GLY C 218 36.78 1.17 10.00
CA GLY C 218 38.14 1.27 9.48
C GLY C 218 38.25 2.27 8.35
N ILE C 219 39.46 2.78 8.13
CA ILE C 219 39.71 3.65 7.00
C ILE C 219 39.92 2.75 5.81
N ALA C 220 39.21 3.00 4.71
CA ALA C 220 39.26 2.10 3.56
C ALA C 220 39.98 2.69 2.35
N THR C 221 40.76 1.86 1.66
CA THR C 221 41.43 2.27 0.44
C THR C 221 41.16 1.21 -0.65
N PRO C 222 41.33 1.59 -1.93
CA PRO C 222 41.12 0.61 -3.00
C PRO C 222 42.08 -0.54 -2.81
N LYS C 223 41.64 -1.75 -3.19
CA LYS C 223 42.50 -2.91 -3.03
C LYS C 223 43.86 -2.65 -3.69
N GLY C 224 44.92 -2.93 -2.94
CA GLY C 224 46.27 -2.78 -3.44
C GLY C 224 46.85 -1.38 -3.46
N SER C 225 46.13 -0.40 -2.91
CA SER C 225 46.58 0.98 -2.95
C SER C 225 47.90 1.19 -2.20
N SER C 226 48.66 2.20 -2.61
CA SER C 226 49.93 2.52 -1.97
C SER C 226 49.76 3.21 -0.60
N LEU C 227 48.62 3.86 -0.39
CA LEU C 227 48.36 4.55 0.88
C LEU C 227 48.08 3.60 2.04
N GLY C 228 47.59 2.41 1.73
CA GLY C 228 47.11 1.48 2.73
C GLY C 228 48.02 1.21 3.91
N ASN C 229 49.28 0.92 3.61
CA ASN C 229 50.22 0.57 4.67
C ASN C 229 50.44 1.74 5.63
N ALA C 230 50.71 2.90 5.06
CA ALA C 230 50.97 4.10 5.85
C ALA C 230 49.74 4.47 6.68
N VAL C 231 48.56 4.37 6.08
CA VAL C 231 47.34 4.74 6.77
C VAL C 231 47.13 3.82 7.97
N ASN C 232 47.43 2.54 7.76
CA ASN C 232 47.31 1.55 8.83
C ASN C 232 48.23 1.86 10.02
N LEU C 233 49.48 2.17 9.75
CA LEU C 233 50.41 2.51 10.82
C LEU C 233 50.00 3.82 11.52
N ALA C 234 49.43 4.74 10.74
CA ALA C 234 48.97 6.02 11.30
C ALA C 234 47.83 5.78 12.29
N VAL C 235 46.88 4.93 11.93
CA VAL C 235 45.78 4.61 12.83
C VAL C 235 46.31 4.03 14.14
N LEU C 236 47.25 3.10 14.05
CA LEU C 236 47.81 2.49 15.26
C LEU C 236 48.57 3.52 16.10
N LYS C 237 49.31 4.42 15.46
CA LYS C 237 50.00 5.47 16.21
C LYS C 237 49.03 6.38 16.95
N LEU C 238 47.99 6.84 16.24
CA LEU C 238 47.00 7.72 16.84
C LEU C 238 46.32 7.04 18.01
N SER C 239 46.02 5.75 17.87
CA SER C 239 45.41 4.99 18.94
C SER C 239 46.31 4.95 20.18
N GLU C 240 47.58 4.65 19.97
CA GLU C 240 48.50 4.51 21.08
C GLU C 240 48.83 5.84 21.75
N GLN C 241 48.75 6.94 20.99
CA GLN C 241 48.97 8.27 21.57
C GLN C 241 47.78 8.76 22.39
N GLY C 242 46.66 8.04 22.30
CA GLY C 242 45.45 8.47 23.00
C GLY C 242 44.65 9.48 22.20
N LEU C 243 45.10 9.80 20.99
CA LEU C 243 44.39 10.77 20.16
C LEU C 243 42.97 10.35 19.81
N LEU C 244 42.77 9.08 19.48
CA LEU C 244 41.42 8.61 19.14
C LEU C 244 40.48 8.77 20.33
N ASP C 245 40.96 8.46 21.53
CA ASP C 245 40.15 8.64 22.73
C ASP C 245 39.83 10.11 22.97
N LYS C 246 40.79 10.99 22.74
CA LYS C 246 40.54 12.43 22.88
C LYS C 246 39.46 12.89 21.91
N LEU C 247 39.56 12.43 20.66
CA LEU C 247 38.56 12.77 19.64
C LEU C 247 37.15 12.26 20.00
N LYS C 248 37.06 11.07 20.58
CA LYS C 248 35.76 10.54 20.98
C LYS C 248 35.11 11.42 22.06
N ASN C 249 35.88 11.80 23.07
CA ASN C 249 35.33 12.61 24.16
C ASN C 249 34.93 13.99 23.67
N LYS C 250 35.76 14.56 22.80
CA LYS C 250 35.47 15.87 22.20
C LYS C 250 34.14 15.90 21.46
N TRP C 251 33.88 14.87 20.65
CA TRP C 251 32.72 14.92 19.76
C TRP C 251 31.48 14.24 20.32
N TRP C 252 31.64 13.41 21.35
CA TRP C 252 30.49 12.78 21.98
C TRP C 252 30.11 13.45 23.30
N TYR C 253 31.01 13.35 24.27
CA TYR C 253 30.65 13.62 25.65
C TYR C 253 30.90 15.06 26.11
N ASP C 254 31.92 15.70 25.54
CA ASP C 254 32.12 17.14 25.78
C ASP C 254 30.98 17.92 25.15
N LYS C 255 30.33 17.31 24.17
CA LYS C 255 29.28 17.99 23.43
C LYS C 255 27.87 17.72 23.98
N GLY C 256 27.75 16.70 24.83
CA GLY C 256 26.46 16.32 25.39
C GLY C 256 25.59 17.50 25.78
N GLU C 257 24.29 17.38 25.52
CA GLU C 257 23.33 18.45 25.78
C GLU C 257 22.28 18.06 26.80
N CYS C 258 22.25 16.78 27.17
CA CYS C 258 21.20 16.28 28.06
C CYS C 258 21.70 16.15 29.50
N GLU D . -12.16 11.52 -8.29
CA GLU D . -12.87 12.33 -9.27
C GLU D . -12.27 12.19 -10.67
O GLU D . -12.69 12.86 -11.62
CB GLU D . -12.86 13.80 -8.84
CG GLU D . -13.79 14.13 -7.68
CD GLU D . -15.25 14.24 -8.11
OE1 GLU D . -16.13 14.28 -7.22
OE2 GLU D . -15.52 14.32 -9.33
OXT GLU D . -11.35 11.39 -10.91
ZN ZN E . 6.58 -1.90 0.70
C1 B5D F . -10.00 -3.57 -4.23
N1 B5D F . -8.20 -4.30 -6.22
O1 B5D F . -9.97 -4.94 -7.72
S1 B5D F . -9.55 -5.09 -6.36
CL1 B5D F . -14.49 -3.82 -4.66
C2 B5D F . -10.58 -4.19 -5.32
N2 B5D F . -8.65 -3.55 -4.07
O2 B5D F . -9.25 -6.37 -5.81
C3 B5D F . -11.95 -4.21 -5.51
C4 B5D F . -12.78 -3.65 -4.53
C5 B5D F . -10.83 -2.97 -3.29
C6 B5D F . -12.21 -3.05 -3.40
C7 B5D F . -6.33 -3.63 -4.83
C8 B5D F . -7.69 -4.31 -4.86
C1 B5D G . -16.17 -1.21 -8.92
N1 B5D G . -14.95 -1.29 -11.42
O1 B5D G . -12.81 -0.66 -10.50
S1 B5D G . -14.19 -0.30 -10.44
CL1 B5D G . -14.03 -0.21 -5.07
C2 B5D G . -14.87 -0.74 -8.93
N2 B5D G . -16.83 -1.43 -10.08
O2 B5D G . -14.64 0.99 -10.85
C3 B5D G . -14.17 -0.50 -7.75
C4 B5D G . -14.83 -0.66 -6.54
C5 B5D G . -16.81 -1.41 -7.70
C6 B5D G . -16.16 -1.11 -6.51
C7 B5D G . -17.02 -1.98 -12.46
C8 B5D G . -16.37 -1.06 -11.41
N GLU H . -14.49 -16.20 -3.84
CA GLU H . -13.53 -17.18 -3.36
C GLU H . -12.50 -17.47 -4.42
O GLU H . -11.58 -18.27 -4.23
CB GLU H . -14.26 -18.47 -2.96
CG GLU H . -14.90 -18.39 -1.58
CD GLU H . -13.88 -18.27 -0.45
OE1 GLU H . -14.30 -17.94 0.68
OE2 GLU H . -12.66 -18.49 -0.69
OXT GLU H . -12.56 -16.92 -5.51
ZN ZN I . -27.09 -4.05 -21.26
ZN ZN J . -0.51 -32.29 -4.03
N GLU K . 28.44 1.92 9.53
CA GLU K . 27.47 1.26 8.66
C GLU K . 28.11 0.83 7.35
O GLU K . 27.44 0.39 6.42
CB GLU K . 26.27 2.18 8.42
CG GLU K . 25.33 2.30 9.61
CD GLU K . 24.37 1.12 9.73
OE1 GLU K . 23.64 1.03 10.74
OE2 GLU K . 24.34 0.28 8.79
OXT GLU K . 29.33 0.89 7.20
ZN ZN L . 34.90 28.62 9.56
ZN ZN M . 49.01 13.00 15.43
C1 B5D N . 41.34 -1.06 17.94
N1 B5D N . 43.70 -1.16 16.47
O1 B5D N . 43.69 -3.57 16.45
S1 B5D N . 43.51 -2.47 17.33
CL1 B5D N . 39.02 -4.68 19.29
C2 B5D N . 41.86 -2.33 17.79
N2 B5D N . 42.07 0.04 17.59
O2 B5D N . 44.37 -2.27 18.45
C3 B5D N . 41.13 -3.46 18.12
C4 B5D N . 39.87 -3.30 18.70
C5 B5D N . 40.07 -0.91 18.46
C6 B5D N . 39.35 -2.02 18.88
C7 B5D N . 43.80 1.26 16.35
C8 B5D N . 43.49 0.05 17.23
#